data_7T1Q
#
_entry.id   7T1Q
#
_cell.length_a   68.323
_cell.length_b   103.460
_cell.length_c   145.157
_cell.angle_alpha   90.000
_cell.angle_beta   90.000
_cell.angle_gamma   90.000
#
_symmetry.space_group_name_H-M   'P 21 21 21'
#
loop_
_entity.id
_entity.type
_entity.pdbx_description
1 polymer 'Succinyl-diaminopimelate desuccinylase'
2 non-polymer 'SUCCINIC ACID'
3 non-polymer 'ACETATE ION'
4 non-polymer 'TRIETHYLENE GLYCOL'
5 non-polymer 'ZINC ION'
6 water water
#
_entity_poly.entity_id   1
_entity_poly.type   'polypeptide(L)'
_entity_poly.pdbx_seq_one_letter_code
;(MSE)NHSDTLSLSLELLQQPSVTPIDHTCQTI(MSE)ADRLAKVGFHIEP(MSE)RFGDVDNLWARRGTEGPVFCFAGH
TDVVPTGRLDAWNSDPFAPEIRDGKLYGRGSAD(MSE)KTALAA(MSE)VVASERFVAKHPNHKGSIAFLITSDEEGPAV
NGTVKVIETLEKRNEKITWCLVGEPSSTHKLGDIVKNGRRGSLNAVLKVQGKQGHVAYPHLARNPIHEASPALAELCQTV
WDNGNEYFPATSFQISNIHAGTGATNVIPGALEVTFNFRYSTEVTAEQLKQRVHEILDKHGLQYEIVWNLSGLPFLTPVG
ELVNAAQTAILNVTGTETELSTSGGTSDGRFIAPTGAQVLELGVLNATIHQINEHVDVHDLDPLTDIYEQILENLLAQ
;
_entity_poly.pdbx_strand_id   A,B
#
# COMPACT_ATOMS: atom_id res chain seq x y z
N ASN A 2 -8.92 -23.68 -39.59
CA ASN A 2 -9.20 -24.91 -38.80
C ASN A 2 -8.10 -25.07 -37.73
N HIS A 3 -8.32 -24.47 -36.56
CA HIS A 3 -7.39 -24.47 -35.39
C HIS A 3 -6.62 -25.79 -35.26
N SER A 4 -5.32 -25.71 -34.95
CA SER A 4 -4.45 -26.90 -34.74
C SER A 4 -4.88 -27.58 -33.44
N ASP A 5 -4.42 -28.82 -33.20
CA ASP A 5 -4.79 -29.57 -31.96
C ASP A 5 -4.22 -28.84 -30.73
N THR A 6 -3.01 -28.29 -30.85
CA THR A 6 -2.33 -27.58 -29.74
C THR A 6 -3.10 -26.29 -29.43
N LEU A 7 -3.53 -25.56 -30.46
CA LEU A 7 -4.30 -24.31 -30.23
C LEU A 7 -5.66 -24.68 -29.59
N SER A 8 -6.30 -25.71 -30.13
CA SER A 8 -7.62 -26.20 -29.64
C SER A 8 -7.56 -26.46 -28.13
N LEU A 9 -6.62 -27.30 -27.70
CA LEU A 9 -6.48 -27.64 -26.26
C LEU A 9 -6.01 -26.40 -25.50
N SER A 10 -5.20 -25.54 -26.12
CA SER A 10 -4.73 -24.31 -25.43
C SER A 10 -5.93 -23.44 -25.07
N LEU A 11 -6.88 -23.30 -25.98
CA LEU A 11 -8.09 -22.46 -25.75
C LEU A 11 -8.90 -23.05 -24.60
N GLU A 12 -9.10 -24.37 -24.60
CA GLU A 12 -9.92 -25.07 -23.58
C GLU A 12 -9.33 -24.83 -22.18
N LEU A 13 -8.00 -24.87 -22.05
CA LEU A 13 -7.29 -24.66 -20.76
C LEU A 13 -7.31 -23.17 -20.38
N LEU A 14 -7.12 -22.30 -21.39
CA LEU A 14 -7.11 -20.82 -21.16
C LEU A 14 -8.50 -20.31 -20.73
N GLN A 15 -9.58 -20.99 -21.10
CA GLN A 15 -10.96 -20.58 -20.72
C GLN A 15 -11.20 -20.84 -19.23
N GLN A 16 -10.26 -21.50 -18.55
CA GLN A 16 -10.47 -21.83 -17.12
C GLN A 16 -9.75 -20.78 -16.26
N PRO A 17 -10.49 -19.97 -15.46
CA PRO A 17 -9.86 -18.97 -14.60
C PRO A 17 -9.16 -19.69 -13.44
N SER A 18 -7.92 -20.14 -13.66
CA SER A 18 -7.15 -20.92 -12.67
C SER A 18 -6.16 -20.05 -11.89
N VAL A 19 -6.64 -19.01 -11.22
CA VAL A 19 -5.73 -18.18 -10.37
C VAL A 19 -5.27 -19.06 -9.20
N THR A 20 -3.99 -19.00 -8.87
CA THR A 20 -3.37 -19.83 -7.79
C THR A 20 -4.24 -19.77 -6.54
N PRO A 21 -4.62 -20.92 -5.94
CA PRO A 21 -4.27 -22.26 -6.41
C PRO A 21 -5.41 -23.06 -7.06
N ILE A 22 -6.46 -22.39 -7.52
CA ILE A 22 -7.64 -23.06 -8.13
C ILE A 22 -7.25 -23.66 -9.50
N ASP A 23 -7.36 -24.98 -9.63
CA ASP A 23 -7.03 -25.72 -10.89
C ASP A 23 -8.11 -25.42 -11.95
N HIS A 24 -9.36 -25.32 -11.47
CA HIS A 24 -10.59 -25.06 -12.26
C HIS A 24 -10.71 -26.06 -13.42
N THR A 25 -10.59 -27.36 -13.10
CA THR A 25 -10.75 -28.51 -14.06
C THR A 25 -9.58 -28.68 -15.04
N CYS A 26 -8.54 -27.84 -15.01
CA CYS A 26 -7.42 -28.00 -15.99
C CYS A 26 -6.74 -29.38 -15.89
N GLN A 27 -6.50 -29.89 -14.67
CA GLN A 27 -5.85 -31.22 -14.53
C GLN A 27 -6.80 -32.34 -14.96
N THR A 28 -8.12 -32.10 -14.93
CA THR A 28 -9.11 -33.12 -15.38
C THR A 28 -9.12 -33.12 -16.91
N ILE A 29 -9.01 -31.95 -17.54
CA ILE A 29 -8.99 -31.86 -19.03
C ILE A 29 -7.76 -32.61 -19.56
N ALA A 31 -5.90 -34.99 -17.83
CA ALA A 31 -5.98 -36.38 -17.42
C ALA A 31 -6.94 -37.16 -18.33
N ASP A 32 -8.14 -36.62 -18.60
CA ASP A 32 -9.13 -37.31 -19.48
C ASP A 32 -8.49 -37.62 -20.84
N ARG A 33 -7.52 -36.82 -21.29
CA ARG A 33 -6.87 -37.08 -22.60
C ARG A 33 -5.71 -38.07 -22.44
N LEU A 34 -4.83 -37.87 -21.46
CA LEU A 34 -3.69 -38.80 -21.26
C LEU A 34 -4.20 -40.20 -20.87
N ALA A 35 -5.37 -40.27 -20.22
CA ALA A 35 -5.92 -41.58 -19.80
C ALA A 35 -6.29 -42.42 -21.03
N LYS A 36 -6.63 -41.78 -22.15
CA LYS A 36 -7.00 -42.52 -23.39
C LYS A 36 -5.75 -43.08 -24.09
N VAL A 37 -4.56 -42.57 -23.76
CA VAL A 37 -3.32 -43.07 -24.43
C VAL A 37 -2.44 -43.83 -23.43
N GLY A 38 -3.09 -44.55 -22.50
CA GLY A 38 -2.39 -45.43 -21.53
C GLY A 38 -1.74 -44.75 -20.34
N PHE A 39 -2.11 -43.51 -20.00
CA PHE A 39 -1.46 -42.90 -18.81
C PHE A 39 -2.30 -43.18 -17.57
N HIS A 40 -1.70 -43.85 -16.57
CA HIS A 40 -2.42 -44.06 -15.29
C HIS A 40 -2.60 -42.67 -14.68
N ILE A 41 -3.75 -42.38 -14.08
CA ILE A 41 -3.99 -41.03 -13.49
C ILE A 41 -3.95 -41.13 -11.97
N GLU A 42 -3.06 -40.35 -11.34
CA GLU A 42 -2.93 -40.36 -9.87
C GLU A 42 -2.98 -38.92 -9.39
N PRO A 43 -4.18 -38.40 -9.08
CA PRO A 43 -4.31 -37.04 -8.57
C PRO A 43 -3.86 -37.04 -7.12
N ARG A 45 -4.07 -34.37 -3.96
CA ARG A 45 -4.49 -33.09 -3.41
C ARG A 45 -3.85 -32.87 -2.05
N PHE A 46 -3.14 -31.76 -1.89
CA PHE A 46 -2.51 -31.35 -0.61
C PHE A 46 -3.11 -29.99 -0.25
N GLY A 47 -3.82 -29.93 0.88
CA GLY A 47 -4.49 -28.67 1.28
C GLY A 47 -5.47 -28.25 0.21
N ASP A 48 -5.34 -27.02 -0.29
N ASP A 48 -5.32 -27.02 -0.28
CA ASP A 48 -6.25 -26.50 -1.36
CA ASP A 48 -6.19 -26.43 -1.34
C ASP A 48 -5.56 -26.60 -2.73
C ASP A 48 -5.53 -26.55 -2.71
N VAL A 49 -4.40 -27.27 -2.81
CA VAL A 49 -3.66 -27.42 -4.11
C VAL A 49 -3.93 -28.79 -4.76
N ASP A 50 -4.22 -28.78 -6.06
CA ASP A 50 -4.46 -30.00 -6.89
C ASP A 50 -3.16 -30.34 -7.63
N ASN A 51 -2.84 -31.63 -7.73
CA ASN A 51 -1.61 -32.06 -8.42
C ASN A 51 -1.94 -33.32 -9.22
N LEU A 52 -1.21 -33.52 -10.32
CA LEU A 52 -1.45 -34.72 -11.14
C LEU A 52 -0.14 -35.44 -11.43
N TRP A 53 -0.14 -36.76 -11.16
CA TRP A 53 1.00 -37.64 -11.51
C TRP A 53 0.40 -38.65 -12.50
N ALA A 54 0.58 -38.38 -13.79
CA ALA A 54 0.09 -39.28 -14.86
C ALA A 54 1.28 -40.08 -15.37
N ARG A 55 1.17 -41.41 -15.37
CA ARG A 55 2.35 -42.20 -15.81
C ARG A 55 1.97 -43.33 -16.78
N ARG A 56 2.67 -43.38 -17.91
CA ARG A 56 2.51 -44.43 -18.95
C ARG A 56 3.79 -45.27 -18.92
N GLY A 57 3.67 -46.53 -18.49
CA GLY A 57 4.83 -47.44 -18.39
C GLY A 57 5.23 -47.63 -16.93
N THR A 58 5.91 -48.74 -16.64
CA THR A 58 6.37 -49.09 -15.27
C THR A 58 7.89 -49.21 -15.21
N GLU A 59 8.59 -49.10 -16.35
CA GLU A 59 10.07 -49.26 -16.34
C GLU A 59 10.80 -47.97 -16.74
N GLY A 60 12.08 -47.88 -16.36
CA GLY A 60 12.94 -46.75 -16.72
C GLY A 60 13.51 -46.96 -18.13
N PRO A 61 14.09 -45.93 -18.78
CA PRO A 61 14.20 -44.59 -18.19
C PRO A 61 12.83 -43.89 -18.05
N VAL A 62 12.74 -42.88 -17.19
CA VAL A 62 11.45 -42.16 -16.98
C VAL A 62 11.58 -40.72 -17.48
N PHE A 63 10.80 -40.39 -18.50
CA PHE A 63 10.77 -39.00 -19.04
C PHE A 63 9.56 -38.31 -18.39
N CYS A 64 9.76 -37.11 -17.84
CA CYS A 64 8.65 -36.42 -17.17
C CYS A 64 8.43 -35.01 -17.72
N PHE A 65 7.18 -34.70 -18.07
CA PHE A 65 6.81 -33.32 -18.49
C PHE A 65 6.31 -32.64 -17.21
N ALA A 66 6.89 -31.51 -16.87
CA ALA A 66 6.46 -30.80 -15.64
C ALA A 66 5.87 -29.45 -16.05
N GLY A 67 4.89 -28.98 -15.27
CA GLY A 67 4.22 -27.70 -15.58
C GLY A 67 3.19 -27.36 -14.53
N HIS A 68 2.57 -26.20 -14.65
CA HIS A 68 1.55 -25.76 -13.67
C HIS A 68 0.32 -25.25 -14.42
N THR A 69 -0.86 -25.45 -13.84
CA THR A 69 -2.14 -25.01 -14.41
C THR A 69 -2.50 -23.65 -13.79
N ASP A 70 -1.84 -23.26 -12.69
CA ASP A 70 -2.17 -21.94 -12.10
C ASP A 70 -1.55 -20.82 -12.96
N VAL A 71 -2.15 -19.62 -12.82
CA VAL A 71 -1.71 -18.38 -13.52
C VAL A 71 -1.73 -17.26 -12.46
N VAL A 72 -0.95 -16.19 -12.69
CA VAL A 72 -0.92 -15.05 -11.73
C VAL A 72 -2.23 -14.27 -11.90
N PRO A 73 -2.67 -13.49 -10.89
CA PRO A 73 -3.91 -12.71 -11.01
C PRO A 73 -3.88 -11.69 -12.16
N THR A 74 -5.07 -11.33 -12.66
CA THR A 74 -5.27 -10.39 -13.79
C THR A 74 -5.21 -8.93 -13.31
N GLY A 75 -5.81 -8.64 -12.15
CA GLY A 75 -5.82 -7.27 -11.61
C GLY A 75 -7.15 -6.58 -11.90
N ARG A 76 -7.39 -6.23 -13.17
CA ARG A 76 -8.66 -5.57 -13.57
C ARG A 76 -8.75 -5.56 -15.11
N LEU A 77 -9.97 -5.78 -15.63
CA LEU A 77 -10.23 -5.86 -17.10
C LEU A 77 -10.17 -4.48 -17.78
N ASP A 78 -10.03 -3.38 -17.01
CA ASP A 78 -9.97 -2.03 -17.65
C ASP A 78 -8.63 -1.82 -18.36
N ALA A 79 -7.59 -2.57 -17.98
CA ALA A 79 -6.24 -2.43 -18.57
C ALA A 79 -6.05 -3.43 -19.73
N TRP A 80 -6.82 -4.52 -19.72
CA TRP A 80 -6.78 -5.59 -20.75
C TRP A 80 -7.62 -5.20 -21.97
N ASN A 81 -7.06 -5.36 -23.18
CA ASN A 81 -7.79 -5.05 -24.44
C ASN A 81 -8.89 -6.08 -24.67
N SER A 82 -8.76 -7.27 -24.06
CA SER A 82 -9.77 -8.36 -24.17
C SER A 82 -9.80 -9.10 -22.83
N ASP A 83 -10.91 -9.79 -22.53
CA ASP A 83 -11.00 -10.51 -21.24
C ASP A 83 -9.84 -11.50 -21.15
N PRO A 84 -9.01 -11.43 -20.08
CA PRO A 84 -7.87 -12.33 -19.92
C PRO A 84 -8.24 -13.82 -19.82
N PHE A 85 -9.51 -14.14 -19.51
CA PHE A 85 -9.97 -15.55 -19.44
C PHE A 85 -10.91 -15.84 -20.61
N ALA A 86 -10.81 -14.98 -21.64
CA ALA A 86 -11.56 -15.10 -22.91
C ALA A 86 -10.48 -15.10 -24.00
N PRO A 87 -9.73 -16.21 -24.15
CA PRO A 87 -8.67 -16.32 -25.14
C PRO A 87 -9.15 -15.85 -26.52
N GLU A 88 -8.35 -14.98 -27.15
CA GLU A 88 -8.67 -14.35 -28.46
C GLU A 88 -7.40 -14.26 -29.32
N ILE A 89 -7.55 -14.25 -30.65
CA ILE A 89 -6.39 -14.14 -31.60
C ILE A 89 -6.50 -12.81 -32.36
N ARG A 90 -5.44 -12.00 -32.30
CA ARG A 90 -5.34 -10.69 -32.99
C ARG A 90 -3.99 -10.61 -33.72
N ASP A 91 -4.00 -10.49 -35.05
CA ASP A 91 -2.77 -10.41 -35.87
C ASP A 91 -1.79 -11.52 -35.47
N GLY A 92 -2.24 -12.78 -35.55
CA GLY A 92 -1.44 -13.97 -35.25
C GLY A 92 -0.94 -14.04 -33.81
N LYS A 93 -1.56 -13.31 -32.87
CA LYS A 93 -1.10 -13.37 -31.45
C LYS A 93 -2.27 -13.83 -30.56
N LEU A 94 -2.03 -14.89 -29.77
CA LEU A 94 -3.03 -15.46 -28.85
C LEU A 94 -2.94 -14.71 -27.50
N TYR A 95 -4.00 -13.98 -27.14
CA TYR A 95 -4.04 -13.17 -25.89
C TYR A 95 -4.87 -13.87 -24.80
N GLY A 96 -4.44 -13.71 -23.55
CA GLY A 96 -5.12 -14.29 -22.37
C GLY A 96 -4.13 -14.68 -21.29
N ARG A 97 -4.55 -14.63 -20.02
CA ARG A 97 -3.68 -15.04 -18.89
C ARG A 97 -3.25 -16.49 -19.06
N GLY A 98 -1.95 -16.73 -18.95
CA GLY A 98 -1.39 -18.08 -19.05
C GLY A 98 -1.07 -18.45 -20.48
N SER A 99 -1.41 -17.60 -21.46
CA SER A 99 -1.12 -17.90 -22.88
C SER A 99 0.38 -18.20 -23.06
N ALA A 100 1.24 -17.57 -22.28
CA ALA A 100 2.71 -17.81 -22.37
C ALA A 100 3.20 -18.58 -21.14
N ASP A 101 2.59 -18.33 -19.98
CA ASP A 101 3.02 -18.95 -18.70
C ASP A 101 1.84 -19.62 -18.00
N LYS A 103 0.00 -22.34 -20.15
CA LYS A 103 -1.00 -23.28 -20.64
C LYS A 103 -0.74 -23.73 -22.09
N THR A 104 -0.16 -22.90 -22.95
CA THR A 104 0.10 -23.32 -24.35
C THR A 104 1.11 -24.47 -24.35
N ALA A 105 2.07 -24.44 -23.42
CA ALA A 105 3.08 -25.52 -23.33
C ALA A 105 2.40 -26.79 -22.79
N LEU A 106 1.51 -26.65 -21.79
CA LEU A 106 0.77 -27.82 -21.25
C LEU A 106 0.09 -28.52 -22.44
N ALA A 107 -0.64 -27.75 -23.25
CA ALA A 107 -1.37 -28.30 -24.42
C ALA A 107 -0.40 -29.01 -25.37
N ALA A 108 0.72 -28.35 -25.72
CA ALA A 108 1.73 -28.92 -26.63
C ALA A 108 2.27 -30.25 -26.07
N VAL A 110 0.75 -32.36 -24.06
CA VAL A 110 -0.27 -33.38 -24.19
C VAL A 110 -0.38 -33.85 -25.64
N VAL A 111 -0.52 -32.92 -26.60
CA VAL A 111 -0.63 -33.30 -28.04
C VAL A 111 0.64 -34.07 -28.46
N ALA A 112 1.81 -33.62 -28.03
CA ALA A 112 3.08 -34.32 -28.37
C ALA A 112 3.03 -35.76 -27.86
N SER A 113 2.62 -35.94 -26.61
CA SER A 113 2.51 -37.27 -25.95
C SER A 113 1.54 -38.16 -26.74
N GLU A 114 0.37 -37.62 -27.11
CA GLU A 114 -0.67 -38.36 -27.89
C GLU A 114 -0.11 -38.84 -29.23
N ARG A 115 0.57 -37.95 -29.97
CA ARG A 115 1.15 -38.28 -31.30
C ARG A 115 2.30 -39.27 -31.13
N PHE A 116 3.12 -39.10 -30.09
CA PHE A 116 4.26 -40.03 -29.88
C PHE A 116 3.73 -41.44 -29.60
N VAL A 117 2.71 -41.57 -28.75
CA VAL A 117 2.13 -42.92 -28.42
C VAL A 117 1.47 -43.51 -29.69
N ALA A 118 0.95 -42.67 -30.58
CA ALA A 118 0.32 -43.18 -31.82
C ALA A 118 1.39 -43.81 -32.72
N LYS A 119 2.53 -43.13 -32.92
CA LYS A 119 3.62 -43.64 -33.79
C LYS A 119 4.51 -44.67 -33.07
N HIS A 120 4.79 -44.47 -31.79
CA HIS A 120 5.72 -45.40 -31.07
C HIS A 120 5.03 -46.04 -29.87
N PRO A 121 4.05 -46.95 -30.08
CA PRO A 121 3.36 -47.59 -28.96
C PRO A 121 4.30 -48.51 -28.17
N ASN A 122 5.33 -49.06 -28.82
CA ASN A 122 6.30 -49.98 -28.19
C ASN A 122 7.54 -49.22 -27.71
N HIS A 123 7.41 -47.91 -27.48
CA HIS A 123 8.56 -47.10 -27.00
C HIS A 123 9.10 -47.74 -25.72
N LYS A 124 10.35 -47.44 -25.38
CA LYS A 124 10.95 -47.99 -24.13
C LYS A 124 10.70 -47.00 -22.99
N GLY A 125 10.98 -47.43 -21.76
CA GLY A 125 10.84 -46.59 -20.56
C GLY A 125 9.42 -46.18 -20.27
N SER A 126 9.27 -45.02 -19.63
CA SER A 126 7.94 -44.50 -19.23
C SER A 126 7.84 -43.01 -19.54
N ILE A 127 6.62 -42.53 -19.74
CA ILE A 127 6.36 -41.08 -19.95
C ILE A 127 5.47 -40.64 -18.79
N ALA A 128 5.80 -39.51 -18.15
CA ALA A 128 4.99 -39.04 -17.02
C ALA A 128 4.78 -37.53 -17.10
N PHE A 129 3.69 -37.07 -16.50
CA PHE A 129 3.31 -35.65 -16.36
C PHE A 129 3.23 -35.35 -14.87
N LEU A 130 3.93 -34.30 -14.43
CA LEU A 130 3.86 -33.88 -13.01
C LEU A 130 3.35 -32.44 -13.05
N ILE A 131 2.03 -32.29 -12.86
CA ILE A 131 1.31 -30.99 -12.97
C ILE A 131 0.81 -30.53 -11.59
N THR A 132 0.99 -29.24 -11.29
CA THR A 132 0.52 -28.65 -10.00
C THR A 132 -0.37 -27.43 -10.27
N SER A 133 -1.22 -27.08 -9.29
CA SER A 133 -2.09 -25.88 -9.40
C SER A 133 -1.49 -24.77 -8.52
N ASP A 134 -0.28 -24.97 -7.98
CA ASP A 134 0.39 -23.89 -7.19
C ASP A 134 1.90 -23.91 -7.47
N GLU A 135 2.31 -23.17 -8.49
CA GLU A 135 3.74 -23.01 -8.86
C GLU A 135 4.07 -21.51 -8.75
N GLU A 136 3.03 -20.67 -8.89
CA GLU A 136 3.17 -19.18 -8.89
C GLU A 136 3.14 -18.61 -7.48
N GLY A 137 2.51 -19.32 -6.52
CA GLY A 137 2.36 -18.83 -5.14
C GLY A 137 3.35 -19.44 -4.14
N PRO A 138 2.93 -19.67 -2.88
CA PRO A 138 3.83 -20.22 -1.84
C PRO A 138 4.43 -21.56 -2.28
N ALA A 139 3.65 -22.36 -3.00
CA ALA A 139 4.12 -23.65 -3.54
C ALA A 139 4.67 -24.55 -2.43
N VAL A 140 3.90 -24.75 -1.35
CA VAL A 140 4.34 -25.65 -0.24
C VAL A 140 3.54 -26.95 -0.36
N ASN A 141 2.41 -26.92 -1.09
CA ASN A 141 1.52 -28.11 -1.29
C ASN A 141 1.44 -28.51 -2.76
N GLY A 142 2.47 -28.20 -3.56
CA GLY A 142 2.42 -28.56 -4.99
C GLY A 142 3.43 -29.64 -5.36
N THR A 143 4.26 -29.35 -6.37
CA THR A 143 5.28 -30.31 -6.86
C THR A 143 6.16 -30.81 -5.70
N VAL A 144 6.42 -29.98 -4.70
CA VAL A 144 7.32 -30.42 -3.59
C VAL A 144 6.71 -31.63 -2.87
N LYS A 145 5.37 -31.67 -2.75
CA LYS A 145 4.67 -32.80 -2.07
C LYS A 145 4.63 -34.03 -2.99
N VAL A 146 4.43 -33.81 -4.30
CA VAL A 146 4.40 -34.94 -5.28
C VAL A 146 5.77 -35.63 -5.21
N ILE A 147 6.84 -34.84 -5.25
CA ILE A 147 8.23 -35.38 -5.21
C ILE A 147 8.44 -36.13 -3.90
N GLU A 148 7.96 -35.57 -2.79
CA GLU A 148 8.09 -36.22 -1.47
C GLU A 148 7.44 -37.60 -1.57
N THR A 149 6.25 -37.66 -2.18
CA THR A 149 5.51 -38.92 -2.37
C THR A 149 6.29 -39.87 -3.29
N LEU A 150 6.78 -39.41 -4.44
CA LEU A 150 7.55 -40.30 -5.36
C LEU A 150 8.81 -40.81 -4.68
N GLU A 151 9.56 -39.92 -4.01
CA GLU A 151 10.82 -40.28 -3.33
C GLU A 151 10.59 -41.35 -2.26
N LYS A 152 9.56 -41.20 -1.42
CA LYS A 152 9.32 -42.19 -0.35
C LYS A 152 9.04 -43.57 -0.95
N ARG A 153 8.55 -43.67 -2.19
CA ARG A 153 8.27 -45.02 -2.76
C ARG A 153 9.30 -45.37 -3.83
N ASN A 154 10.46 -44.69 -3.80
CA ASN A 154 11.60 -44.97 -4.73
C ASN A 154 11.21 -44.87 -6.20
N GLU A 155 10.37 -43.90 -6.58
CA GLU A 155 9.97 -43.73 -7.99
C GLU A 155 10.77 -42.54 -8.53
N LYS A 156 11.82 -42.86 -9.29
CA LYS A 156 12.77 -41.87 -9.82
C LYS A 156 12.44 -41.44 -11.24
N ILE A 157 12.72 -40.16 -11.51
CA ILE A 157 12.56 -39.49 -12.83
C ILE A 157 13.95 -39.37 -13.45
N THR A 158 14.13 -39.89 -14.66
CA THR A 158 15.45 -39.82 -15.34
C THR A 158 15.64 -38.40 -15.89
N TRP A 159 14.71 -37.98 -16.75
CA TRP A 159 14.77 -36.66 -17.43
C TRP A 159 13.49 -35.87 -17.17
N CYS A 160 13.61 -34.57 -16.94
CA CYS A 160 12.39 -33.76 -16.69
C CYS A 160 12.41 -32.49 -17.53
N LEU A 161 11.46 -32.37 -18.45
CA LEU A 161 11.39 -31.15 -19.30
C LEU A 161 10.27 -30.28 -18.72
N VAL A 162 10.64 -29.09 -18.23
CA VAL A 162 9.66 -28.14 -17.66
C VAL A 162 9.24 -27.20 -18.79
N GLY A 163 7.93 -27.11 -19.07
CA GLY A 163 7.40 -26.29 -20.18
C GLY A 163 7.31 -24.80 -19.89
N GLU A 164 8.08 -24.28 -18.93
CA GLU A 164 8.10 -22.83 -18.63
C GLU A 164 8.59 -22.08 -19.88
N PRO A 165 8.10 -20.86 -20.16
CA PRO A 165 8.54 -20.09 -21.34
C PRO A 165 10.03 -19.72 -21.21
N SER A 166 10.91 -20.49 -21.84
CA SER A 166 12.38 -20.30 -21.73
C SER A 166 12.96 -19.40 -22.81
N SER A 167 12.20 -19.10 -23.86
CA SER A 167 12.73 -18.35 -25.02
C SER A 167 12.78 -16.82 -24.82
N THR A 168 13.76 -16.17 -25.46
CA THR A 168 13.96 -14.70 -25.41
C THR A 168 13.42 -14.06 -26.70
N HIS A 169 14.08 -14.26 -27.84
CA HIS A 169 13.66 -13.61 -29.12
C HIS A 169 12.97 -14.59 -30.09
N LYS A 170 13.39 -15.86 -30.10
CA LYS A 170 12.76 -16.85 -31.01
C LYS A 170 12.69 -18.19 -30.26
N LEU A 171 11.70 -19.01 -30.64
CA LEU A 171 11.41 -20.31 -29.99
C LEU A 171 12.66 -21.19 -29.83
N GLY A 172 12.93 -21.60 -28.58
CA GLY A 172 14.04 -22.51 -28.27
C GLY A 172 15.42 -21.88 -28.36
N ASP A 173 15.53 -20.55 -28.38
CA ASP A 173 16.89 -19.94 -28.47
C ASP A 173 17.56 -20.11 -27.11
N ILE A 174 16.75 -20.30 -26.06
CA ILE A 174 17.28 -20.48 -24.68
C ILE A 174 16.57 -21.66 -24.02
N VAL A 175 17.36 -22.51 -23.36
CA VAL A 175 16.87 -23.68 -22.57
C VAL A 175 17.61 -23.59 -21.25
N LYS A 176 16.96 -23.97 -20.14
CA LYS A 176 17.60 -23.82 -18.81
C LYS A 176 17.74 -25.14 -18.05
N ASN A 177 18.95 -25.43 -17.58
CA ASN A 177 19.28 -26.65 -16.80
C ASN A 177 19.47 -26.29 -15.33
N GLY A 178 19.32 -25.00 -15.02
CA GLY A 178 19.46 -24.51 -13.63
C GLY A 178 18.75 -23.19 -13.46
N ARG A 179 18.74 -22.67 -12.23
CA ARG A 179 18.06 -21.38 -11.90
C ARG A 179 18.66 -20.78 -10.63
N ARG A 180 18.56 -19.47 -10.48
CA ARG A 180 19.04 -18.81 -9.24
C ARG A 180 18.03 -19.13 -8.12
N GLY A 181 18.41 -18.85 -6.89
CA GLY A 181 17.49 -19.08 -5.76
C GLY A 181 16.49 -17.95 -5.68
N SER A 182 15.44 -18.12 -4.87
CA SER A 182 14.40 -17.09 -4.68
C SER A 182 14.19 -16.91 -3.17
N LEU A 183 14.56 -15.74 -2.66
CA LEU A 183 14.44 -15.42 -1.20
C LEU A 183 13.44 -14.26 -1.04
N ASN A 184 12.31 -14.55 -0.39
CA ASN A 184 11.22 -13.56 -0.15
C ASN A 184 11.34 -12.97 1.25
N ALA A 185 10.83 -11.76 1.44
CA ALA A 185 10.87 -11.09 2.75
C ALA A 185 9.68 -10.13 2.90
N VAL A 186 9.13 -10.06 4.10
CA VAL A 186 8.07 -9.07 4.40
C VAL A 186 8.66 -8.21 5.52
N LEU A 187 9.22 -7.06 5.15
CA LEU A 187 9.85 -6.10 6.09
C LEU A 187 8.76 -5.19 6.66
N LYS A 188 8.66 -5.13 7.99
N LYS A 188 8.65 -5.14 7.99
CA LYS A 188 7.67 -4.27 8.68
CA LYS A 188 7.64 -4.25 8.65
C LYS A 188 8.41 -3.23 9.52
C LYS A 188 8.39 -3.23 9.52
N VAL A 189 8.61 -2.03 8.97
CA VAL A 189 9.32 -0.93 9.69
C VAL A 189 8.34 -0.31 10.68
N GLN A 190 8.66 -0.37 11.96
CA GLN A 190 7.75 0.17 13.01
C GLN A 190 8.08 1.65 13.25
N GLY A 191 7.05 2.50 13.13
CA GLY A 191 7.14 3.94 13.41
C GLY A 191 6.21 4.25 14.57
N LYS A 192 5.59 5.43 14.58
CA LYS A 192 4.62 5.81 15.65
C LYS A 192 3.58 6.74 15.02
N GLN A 193 2.34 6.29 14.91
CA GLN A 193 1.26 7.09 14.28
C GLN A 193 1.06 8.42 15.02
N GLY A 194 0.80 9.49 14.26
CA GLY A 194 0.59 10.84 14.82
C GLY A 194 0.10 11.84 13.79
N HIS A 195 0.23 13.12 14.11
CA HIS A 195 -0.20 14.25 13.25
C HIS A 195 0.98 14.69 12.37
N VAL A 196 0.75 14.87 11.06
CA VAL A 196 1.85 15.27 10.13
C VAL A 196 2.46 16.62 10.56
N ALA A 197 1.65 17.50 11.16
CA ALA A 197 2.12 18.85 11.57
C ALA A 197 2.89 18.81 12.89
N TYR A 198 2.86 17.66 13.59
CA TYR A 198 3.59 17.45 14.87
C TYR A 198 4.47 16.22 14.70
N PRO A 199 5.39 16.23 13.69
CA PRO A 199 6.24 15.08 13.41
C PRO A 199 7.20 14.68 14.54
N HIS A 200 7.62 15.65 15.35
CA HIS A 200 8.55 15.40 16.48
C HIS A 200 7.86 14.56 17.56
N LEU A 201 6.52 14.53 17.60
CA LEU A 201 5.76 13.73 18.60
C LEU A 201 5.41 12.36 18.01
N ALA A 202 5.88 12.09 16.79
CA ALA A 202 5.61 10.81 16.10
C ALA A 202 6.92 10.30 15.49
N ARG A 203 6.81 9.30 14.62
CA ARG A 203 8.00 8.74 13.95
C ARG A 203 7.48 8.22 12.61
N ASN A 204 7.85 8.89 11.52
CA ASN A 204 7.35 8.52 10.17
C ASN A 204 8.20 7.37 9.64
N PRO A 205 7.63 6.15 9.49
CA PRO A 205 8.38 5.00 9.01
C PRO A 205 8.78 5.15 7.54
N ILE A 206 7.98 5.87 6.73
CA ILE A 206 8.28 6.08 5.29
C ILE A 206 9.55 6.91 5.19
N HIS A 207 9.65 7.96 6.01
CA HIS A 207 10.82 8.88 6.03
C HIS A 207 12.08 8.12 6.47
N GLU A 208 11.97 7.32 7.54
CA GLU A 208 13.13 6.57 8.09
C GLU A 208 13.62 5.50 7.11
N ALA A 209 12.69 4.83 6.43
CA ALA A 209 13.03 3.74 5.49
C ALA A 209 13.51 4.26 4.12
N SER A 210 13.09 5.45 3.70
CA SER A 210 13.48 5.99 2.36
C SER A 210 14.98 5.81 2.11
N PRO A 211 15.87 6.35 2.96
CA PRO A 211 17.31 6.23 2.72
C PRO A 211 17.76 4.77 2.70
N ALA A 212 17.17 3.93 3.57
CA ALA A 212 17.52 2.50 3.63
C ALA A 212 17.07 1.81 2.33
N LEU A 213 15.83 2.07 1.91
CA LEU A 213 15.29 1.45 0.65
C LEU A 213 16.12 1.94 -0.54
N ALA A 214 16.52 3.20 -0.51
CA ALA A 214 17.33 3.75 -1.63
C ALA A 214 18.64 2.95 -1.75
N GLU A 215 19.30 2.71 -0.61
CA GLU A 215 20.60 1.98 -0.60
C GLU A 215 20.40 0.53 -1.10
N LEU A 216 19.35 -0.16 -0.66
CA LEU A 216 19.11 -1.58 -1.09
C LEU A 216 18.91 -1.65 -2.62
N CYS A 217 18.18 -0.69 -3.17
CA CYS A 217 17.88 -0.68 -4.64
C CYS A 217 19.15 -0.52 -5.48
N GLN A 218 20.16 0.21 -5.00
CA GLN A 218 21.39 0.41 -5.82
C GLN A 218 22.56 -0.42 -5.25
N THR A 219 22.29 -1.36 -4.34
CA THR A 219 23.35 -2.21 -3.74
C THR A 219 23.80 -3.29 -4.72
N VAL A 220 25.10 -3.61 -4.72
CA VAL A 220 25.68 -4.68 -5.58
C VAL A 220 25.87 -5.90 -4.65
N TRP A 221 25.03 -6.91 -4.80
CA TRP A 221 25.07 -8.11 -3.93
C TRP A 221 26.20 -9.06 -4.37
N ASP A 222 26.36 -9.24 -5.69
CA ASP A 222 27.45 -10.09 -6.24
C ASP A 222 27.53 -9.79 -7.74
N ASN A 223 28.50 -10.39 -8.45
CA ASN A 223 28.68 -10.18 -9.91
C ASN A 223 28.28 -11.46 -10.65
N GLY A 224 27.62 -12.39 -9.94
CA GLY A 224 27.23 -13.68 -10.54
C GLY A 224 28.47 -14.48 -10.92
N ASN A 225 28.34 -15.37 -11.90
CA ASN A 225 29.50 -16.19 -12.34
C ASN A 225 29.24 -16.69 -13.77
N GLU A 226 30.09 -17.56 -14.27
CA GLU A 226 29.93 -18.02 -15.68
C GLU A 226 28.72 -18.97 -15.81
N TYR A 227 28.05 -19.31 -14.71
CA TYR A 227 26.88 -20.24 -14.79
C TYR A 227 25.59 -19.51 -14.41
N PHE A 228 25.68 -18.47 -13.58
CA PHE A 228 24.47 -17.74 -13.14
C PHE A 228 24.64 -16.24 -13.32
N PRO A 229 23.56 -15.50 -13.64
CA PRO A 229 23.63 -14.05 -13.73
C PRO A 229 23.74 -13.51 -12.30
N ALA A 230 24.09 -12.23 -12.16
CA ALA A 230 24.26 -11.61 -10.82
C ALA A 230 22.92 -11.61 -10.05
N THR A 231 23.03 -11.65 -8.71
CA THR A 231 21.87 -11.62 -7.77
C THR A 231 21.10 -10.31 -7.96
N SER A 232 19.78 -10.37 -8.13
CA SER A 232 19.01 -9.11 -8.30
C SER A 232 17.99 -8.93 -7.17
N PHE A 233 17.84 -7.69 -6.70
CA PHE A 233 16.87 -7.36 -5.63
C PHE A 233 15.70 -6.58 -6.24
N GLN A 234 14.49 -6.86 -5.80
CA GLN A 234 13.29 -6.18 -6.34
C GLN A 234 12.23 -6.01 -5.27
N ILE A 235 11.68 -4.80 -5.14
CA ILE A 235 10.56 -4.57 -4.19
C ILE A 235 9.26 -4.77 -4.98
N SER A 236 8.42 -5.70 -4.52
CA SER A 236 7.16 -6.05 -5.21
C SER A 236 6.02 -5.19 -4.69
N ASN A 237 5.98 -4.99 -3.39
CA ASN A 237 4.85 -4.25 -2.77
C ASN A 237 5.35 -3.31 -1.69
N ILE A 238 4.74 -2.14 -1.56
CA ILE A 238 5.09 -1.18 -0.47
C ILE A 238 3.78 -0.55 -0.01
N HIS A 239 3.54 -0.52 1.30
CA HIS A 239 2.24 -0.02 1.78
C HIS A 239 2.36 0.69 3.12
N ALA A 240 1.66 1.81 3.29
CA ALA A 240 1.63 2.57 4.56
C ALA A 240 0.49 3.58 4.48
N GLY A 241 -0.37 3.63 5.50
CA GLY A 241 -1.45 4.63 5.55
C GLY A 241 -2.78 4.08 5.07
N THR A 242 -3.88 4.71 5.52
CA THR A 242 -5.24 4.26 5.09
C THR A 242 -5.89 5.34 4.22
N GLY A 243 -5.23 6.48 4.02
CA GLY A 243 -5.80 7.54 3.15
C GLY A 243 -5.80 8.92 3.79
N ALA A 244 -5.74 9.02 5.12
CA ALA A 244 -5.75 10.34 5.80
C ALA A 244 -4.47 11.10 5.41
N THR A 245 -4.64 12.37 4.99
CA THR A 245 -3.51 13.22 4.52
C THR A 245 -2.79 13.89 5.70
N ASN A 246 -3.43 14.00 6.85
CA ASN A 246 -2.82 14.67 8.03
C ASN A 246 -2.48 13.65 9.12
N VAL A 247 -2.26 12.40 8.74
CA VAL A 247 -1.92 11.36 9.77
C VAL A 247 -0.61 10.68 9.36
N ILE A 248 0.37 10.70 10.25
CA ILE A 248 1.65 9.96 9.99
C ILE A 248 1.35 8.50 10.25
N PRO A 249 1.60 7.58 9.29
CA PRO A 249 1.30 6.15 9.46
C PRO A 249 2.20 5.49 10.52
N GLY A 250 1.61 4.55 11.28
CA GLY A 250 2.34 3.83 12.34
C GLY A 250 3.33 2.81 11.81
N ALA A 251 3.10 2.27 10.61
CA ALA A 251 4.06 1.26 10.10
C ALA A 251 4.10 1.23 8.57
N LEU A 252 5.23 0.78 8.04
CA LEU A 252 5.47 0.62 6.57
C LEU A 252 5.69 -0.87 6.28
N GLU A 253 4.94 -1.43 5.33
CA GLU A 253 5.13 -2.86 4.97
C GLU A 253 5.87 -2.89 3.62
N VAL A 254 7.03 -3.55 3.56
CA VAL A 254 7.81 -3.63 2.30
C VAL A 254 8.03 -5.10 1.95
N THR A 255 7.50 -5.54 0.81
CA THR A 255 7.68 -6.95 0.35
C THR A 255 8.75 -6.95 -0.73
N PHE A 256 9.81 -7.74 -0.57
CA PHE A 256 10.89 -7.75 -1.58
C PHE A 256 11.37 -9.19 -1.83
N ASN A 257 12.16 -9.34 -2.89
CA ASN A 257 12.65 -10.65 -3.33
C ASN A 257 14.08 -10.57 -3.87
N PHE A 258 14.84 -11.65 -3.68
CA PHE A 258 16.20 -11.80 -4.21
C PHE A 258 16.24 -13.02 -5.13
N ARG A 259 16.70 -12.83 -6.37
CA ARG A 259 16.94 -13.99 -7.28
C ARG A 259 18.46 -14.10 -7.16
N TYR A 260 18.96 -15.06 -6.38
CA TYR A 260 20.42 -15.08 -6.11
C TYR A 260 21.19 -16.22 -6.75
N SER A 261 22.46 -15.90 -7.06
CA SER A 261 23.46 -16.79 -7.68
C SER A 261 24.16 -17.59 -6.59
N THR A 262 24.97 -18.58 -6.98
CA THR A 262 25.70 -19.44 -6.02
C THR A 262 26.91 -18.69 -5.42
N GLU A 263 27.05 -17.38 -5.71
CA GLU A 263 28.16 -16.57 -5.15
C GLU A 263 27.82 -16.17 -3.72
N VAL A 264 26.53 -16.29 -3.35
CA VAL A 264 26.06 -15.93 -1.98
C VAL A 264 25.06 -16.98 -1.50
N THR A 265 24.80 -17.00 -0.20
CA THR A 265 23.82 -17.92 0.43
C THR A 265 22.67 -17.08 0.94
N ALA A 266 21.52 -17.71 1.23
CA ALA A 266 20.38 -16.96 1.79
C ALA A 266 20.81 -16.31 3.12
N GLU A 267 21.54 -17.04 3.96
N GLU A 267 21.56 -17.06 3.93
CA GLU A 267 21.98 -16.46 5.28
CA GLU A 267 22.07 -16.59 5.25
C GLU A 267 22.88 -15.24 5.03
C GLU A 267 22.92 -15.32 5.06
N GLN A 268 23.73 -15.28 4.01
CA GLN A 268 24.61 -14.11 3.71
C GLN A 268 23.77 -12.89 3.32
N LEU A 269 22.72 -13.09 2.51
CA LEU A 269 21.84 -11.96 2.09
C LEU A 269 21.08 -11.41 3.31
N LYS A 270 20.48 -12.30 4.10
CA LYS A 270 19.72 -11.90 5.32
C LYS A 270 20.63 -11.10 6.26
N GLN A 271 21.91 -11.50 6.36
CA GLN A 271 22.87 -10.81 7.27
C GLN A 271 23.18 -9.40 6.73
N ARG A 272 23.37 -9.23 5.40
CA ARG A 272 23.65 -7.88 4.81
C ARG A 272 22.43 -6.96 4.97
N VAL A 273 21.24 -7.47 4.64
CA VAL A 273 20.00 -6.65 4.76
C VAL A 273 19.89 -6.13 6.19
N HIS A 274 19.97 -7.00 7.21
CA HIS A 274 19.88 -6.54 8.62
C HIS A 274 20.97 -5.50 8.92
N GLU A 275 22.19 -5.70 8.41
CA GLU A 275 23.27 -4.70 8.67
C GLU A 275 22.86 -3.34 8.12
N ILE A 276 22.39 -3.31 6.88
CA ILE A 276 21.96 -2.05 6.20
C ILE A 276 20.77 -1.43 6.96
N LEU A 277 19.77 -2.20 7.35
CA LEU A 277 18.61 -1.61 8.07
C LEU A 277 19.05 -1.11 9.45
N ASP A 278 19.78 -1.93 10.23
CA ASP A 278 20.27 -1.52 11.58
C ASP A 278 21.14 -0.26 11.45
N LYS A 279 21.89 -0.14 10.34
CA LYS A 279 22.78 1.01 10.06
C LYS A 279 21.95 2.30 10.03
N HIS A 280 20.77 2.24 9.40
CA HIS A 280 19.84 3.41 9.30
C HIS A 280 19.00 3.56 10.58
N GLY A 281 19.36 2.83 11.65
CA GLY A 281 18.66 2.90 12.96
C GLY A 281 17.18 2.61 12.86
N LEU A 282 16.78 1.65 12.02
CA LEU A 282 15.33 1.33 11.88
C LEU A 282 14.88 0.32 12.93
N GLN A 283 13.67 0.50 13.46
CA GLN A 283 13.01 -0.43 14.39
C GLN A 283 12.12 -1.29 13.48
N TYR A 284 12.35 -2.60 13.42
CA TYR A 284 11.56 -3.41 12.46
C TYR A 284 11.60 -4.90 12.78
N GLU A 285 10.94 -5.67 11.91
CA GLU A 285 10.90 -7.15 11.98
C GLU A 285 10.78 -7.67 10.55
N ILE A 286 11.49 -8.75 10.23
CA ILE A 286 11.43 -9.34 8.86
C ILE A 286 11.03 -10.81 8.97
N VAL A 287 10.11 -11.20 8.10
CA VAL A 287 9.63 -12.61 7.97
C VAL A 287 10.22 -13.08 6.63
N TRP A 288 11.28 -13.88 6.71
CA TRP A 288 11.96 -14.42 5.51
C TRP A 288 11.28 -15.72 5.09
N ASN A 289 11.31 -16.02 3.79
CA ASN A 289 10.72 -17.25 3.21
C ASN A 289 11.60 -17.70 2.05
N LEU A 290 12.38 -18.76 2.25
CA LEU A 290 13.27 -19.27 1.18
C LEU A 290 12.41 -20.08 0.21
N SER A 291 11.93 -19.42 -0.84
CA SER A 291 11.05 -20.03 -1.88
C SER A 291 11.82 -21.07 -2.69
N GLY A 292 13.11 -20.84 -2.94
CA GLY A 292 13.88 -21.83 -3.72
C GLY A 292 15.38 -21.62 -3.63
N LEU A 293 16.12 -22.73 -3.58
CA LEU A 293 17.60 -22.71 -3.56
C LEU A 293 18.07 -22.64 -5.00
N PRO A 294 19.30 -22.13 -5.27
CA PRO A 294 19.82 -22.14 -6.63
C PRO A 294 20.04 -23.60 -7.00
N PHE A 295 19.86 -23.96 -8.27
CA PHE A 295 20.11 -25.37 -8.67
C PHE A 295 20.73 -25.35 -10.07
N LEU A 296 21.53 -26.37 -10.33
CA LEU A 296 22.23 -26.54 -11.62
C LEU A 296 22.32 -28.04 -11.86
N THR A 297 21.61 -28.54 -12.87
CA THR A 297 21.65 -30.00 -13.15
C THR A 297 22.67 -30.27 -14.25
N PRO A 298 23.26 -31.49 -14.29
CA PRO A 298 24.24 -31.83 -15.31
C PRO A 298 23.71 -31.76 -16.74
N VAL A 299 24.62 -31.47 -17.67
CA VAL A 299 24.31 -31.42 -19.13
C VAL A 299 24.42 -32.87 -19.62
N GLY A 300 23.29 -33.49 -19.96
CA GLY A 300 23.30 -34.89 -20.41
C GLY A 300 22.44 -35.13 -21.64
N GLU A 301 21.86 -36.33 -21.72
CA GLU A 301 21.04 -36.77 -22.88
C GLU A 301 19.86 -35.81 -23.13
N LEU A 302 19.20 -35.33 -22.07
CA LEU A 302 18.04 -34.42 -22.23
C LEU A 302 18.46 -33.19 -23.01
N VAL A 303 19.56 -32.55 -22.61
CA VAL A 303 20.07 -31.37 -23.37
C VAL A 303 20.34 -31.80 -24.81
N ASN A 304 21.13 -32.86 -25.02
CA ASN A 304 21.47 -33.33 -26.38
C ASN A 304 20.21 -33.51 -27.23
N ALA A 305 19.16 -34.14 -26.68
CA ALA A 305 17.89 -34.38 -27.39
C ALA A 305 17.18 -33.06 -27.70
N ALA A 306 17.25 -32.09 -26.77
CA ALA A 306 16.60 -30.78 -27.00
C ALA A 306 17.37 -30.01 -28.09
N GLN A 307 18.70 -29.98 -28.04
CA GLN A 307 19.52 -29.28 -29.07
C GLN A 307 19.14 -29.80 -30.45
N THR A 308 19.11 -31.13 -30.62
CA THR A 308 18.75 -31.82 -31.89
C THR A 308 17.35 -31.42 -32.34
N ALA A 309 16.33 -31.69 -31.52
CA ALA A 309 14.92 -31.38 -31.83
C ALA A 309 14.77 -29.91 -32.24
N ILE A 310 15.07 -28.98 -31.33
CA ILE A 310 14.97 -27.52 -31.61
C ILE A 310 15.66 -27.21 -32.94
N LEU A 311 16.91 -27.63 -33.13
CA LEU A 311 17.64 -27.35 -34.39
C LEU A 311 16.84 -27.87 -35.59
N ASN A 312 16.35 -29.11 -35.50
CA ASN A 312 15.59 -29.76 -36.62
C ASN A 312 14.28 -29.03 -36.92
N VAL A 313 13.59 -28.54 -35.90
CA VAL A 313 12.26 -27.86 -36.08
C VAL A 313 12.41 -26.39 -36.48
N THR A 314 13.39 -25.65 -35.94
CA THR A 314 13.48 -24.19 -36.22
C THR A 314 14.79 -23.73 -36.86
N GLY A 315 15.82 -24.59 -36.97
CA GLY A 315 17.11 -24.15 -37.53
C GLY A 315 17.86 -23.24 -36.57
N THR A 316 17.54 -23.32 -35.27
CA THR A 316 18.16 -22.48 -34.21
C THR A 316 19.06 -23.33 -33.31
N GLU A 317 20.30 -22.87 -33.08
CA GLU A 317 21.23 -23.59 -32.15
C GLU A 317 20.94 -23.07 -30.74
N THR A 318 20.17 -23.83 -29.94
CA THR A 318 19.80 -23.41 -28.57
C THR A 318 21.06 -23.10 -27.74
N GLU A 319 20.87 -22.28 -26.70
CA GLU A 319 21.95 -21.86 -25.77
C GLU A 319 21.50 -22.12 -24.33
N LEU A 320 22.37 -22.72 -23.51
CA LEU A 320 22.04 -23.02 -22.09
C LEU A 320 22.01 -21.72 -21.29
N SER A 321 21.31 -21.71 -20.16
CA SER A 321 21.19 -20.52 -19.29
C SER A 321 20.51 -20.86 -17.96
N THR A 322 20.61 -19.95 -17.00
CA THR A 322 19.99 -20.08 -15.66
C THR A 322 19.27 -18.76 -15.36
N SER A 323 19.07 -17.95 -16.41
CA SER A 323 18.44 -16.61 -16.30
C SER A 323 16.95 -16.72 -15.96
N GLY A 324 16.32 -15.57 -15.73
CA GLY A 324 14.89 -15.52 -15.40
C GLY A 324 14.65 -15.82 -13.95
N GLY A 325 13.44 -16.27 -13.62
CA GLY A 325 13.07 -16.61 -12.24
C GLY A 325 13.44 -18.04 -11.93
N THR A 326 12.51 -18.79 -11.34
CA THR A 326 12.75 -20.22 -11.02
C THR A 326 11.55 -21.03 -11.52
N SER A 327 11.45 -22.30 -11.14
CA SER A 327 10.34 -23.18 -11.57
C SER A 327 10.27 -24.37 -10.64
N ASP A 328 9.36 -25.32 -10.91
CA ASP A 328 9.27 -26.53 -10.05
C ASP A 328 10.49 -27.41 -10.35
N GLY A 329 11.35 -27.01 -11.29
CA GLY A 329 12.56 -27.81 -11.50
C GLY A 329 13.39 -27.78 -10.21
N ARG A 330 13.20 -26.75 -9.39
CA ARG A 330 13.97 -26.64 -8.12
C ARG A 330 13.58 -27.77 -7.14
N PHE A 331 12.37 -28.32 -7.28
CA PHE A 331 11.89 -29.40 -6.38
C PHE A 331 12.22 -30.77 -6.97
N ILE A 332 12.43 -30.82 -8.29
CA ILE A 332 12.70 -32.07 -9.06
C ILE A 332 14.21 -32.35 -9.14
N ALA A 333 15.00 -31.29 -9.30
CA ALA A 333 16.48 -31.41 -9.44
C ALA A 333 17.10 -32.19 -8.29
N PRO A 334 16.69 -31.99 -7.03
CA PRO A 334 17.29 -32.73 -5.91
C PRO A 334 17.09 -34.24 -5.96
N THR A 335 16.23 -34.74 -6.85
CA THR A 335 15.99 -36.20 -6.95
C THR A 335 17.08 -36.84 -7.81
N GLY A 336 17.81 -36.03 -8.56
CA GLY A 336 18.87 -36.55 -9.45
C GLY A 336 18.45 -36.52 -10.91
N ALA A 337 17.22 -36.10 -11.18
CA ALA A 337 16.75 -36.03 -12.58
C ALA A 337 17.44 -34.90 -13.34
N GLN A 338 17.76 -35.11 -14.61
CA GLN A 338 18.31 -33.99 -15.41
C GLN A 338 17.13 -33.05 -15.64
N VAL A 339 17.33 -31.75 -15.50
CA VAL A 339 16.21 -30.78 -15.69
C VAL A 339 16.55 -29.85 -16.85
N LEU A 340 15.58 -29.63 -17.73
CA LEU A 340 15.77 -28.70 -18.88
C LEU A 340 14.45 -27.98 -19.10
N GLU A 341 14.48 -26.66 -19.08
CA GLU A 341 13.24 -25.88 -19.29
C GLU A 341 13.24 -25.39 -20.74
N LEU A 342 12.16 -25.70 -21.47
CA LEU A 342 11.98 -25.33 -22.89
C LEU A 342 10.54 -24.90 -23.13
N GLY A 343 10.33 -23.70 -23.67
CA GLY A 343 8.98 -23.19 -23.92
C GLY A 343 8.95 -22.00 -24.86
N VAL A 344 7.80 -21.30 -24.88
CA VAL A 344 7.53 -20.12 -25.74
C VAL A 344 8.29 -18.89 -25.22
N LEU A 345 8.13 -17.74 -25.88
CA LEU A 345 8.80 -16.49 -25.41
C LEU A 345 8.23 -16.10 -24.04
N ASN A 346 9.11 -15.57 -23.18
CA ASN A 346 8.78 -15.11 -21.80
C ASN A 346 8.63 -13.58 -21.75
N ALA A 347 8.57 -12.93 -22.90
CA ALA A 347 8.48 -11.44 -22.98
C ALA A 347 7.23 -10.87 -22.31
N THR A 348 6.10 -11.59 -22.34
CA THR A 348 4.83 -11.03 -21.79
C THR A 348 4.33 -11.72 -20.52
N ILE A 349 5.11 -12.64 -19.94
CA ILE A 349 4.61 -13.34 -18.71
C ILE A 349 4.45 -12.33 -17.56
N HIS A 350 3.43 -12.52 -16.72
CA HIS A 350 3.17 -11.66 -15.53
C HIS A 350 2.85 -10.22 -15.96
N GLN A 351 2.61 -10.00 -17.27
CA GLN A 351 2.28 -8.65 -17.79
C GLN A 351 0.80 -8.58 -18.21
N ILE A 352 0.30 -7.36 -18.39
CA ILE A 352 -1.09 -7.14 -18.88
C ILE A 352 -1.07 -7.45 -20.39
N ASN A 353 -2.18 -7.95 -20.95
CA ASN A 353 -2.25 -8.29 -22.40
C ASN A 353 -1.20 -9.36 -22.73
N GLU A 354 -1.04 -10.33 -21.83
CA GLU A 354 -0.11 -11.46 -22.02
C GLU A 354 -0.50 -12.15 -23.33
N HIS A 355 0.48 -12.53 -24.15
CA HIS A 355 0.13 -13.19 -25.43
C HIS A 355 1.27 -14.08 -25.92
N VAL A 356 0.97 -14.91 -26.91
CA VAL A 356 1.98 -15.83 -27.51
C VAL A 356 1.74 -15.87 -29.02
N ASP A 357 2.84 -15.90 -29.79
CA ASP A 357 2.74 -15.97 -31.27
C ASP A 357 2.18 -17.35 -31.64
N VAL A 358 1.04 -17.39 -32.32
CA VAL A 358 0.41 -18.68 -32.75
C VAL A 358 1.39 -19.50 -33.62
N HIS A 359 2.24 -18.84 -34.42
CA HIS A 359 3.17 -19.59 -35.31
C HIS A 359 4.16 -20.47 -34.52
N ASP A 360 4.28 -20.27 -33.20
CA ASP A 360 5.23 -21.07 -32.38
C ASP A 360 4.54 -22.30 -31.74
N LEU A 361 3.20 -22.38 -31.76
CA LEU A 361 2.48 -23.48 -31.08
C LEU A 361 2.75 -24.84 -31.75
N ASP A 362 2.61 -24.94 -33.07
CA ASP A 362 2.85 -26.26 -33.75
C ASP A 362 4.33 -26.62 -33.63
N PRO A 363 5.30 -25.74 -33.98
CA PRO A 363 6.72 -26.07 -33.84
C PRO A 363 7.07 -26.53 -32.42
N LEU A 364 6.51 -25.89 -31.40
CA LEU A 364 6.82 -26.32 -30.00
C LEU A 364 6.37 -27.76 -29.82
N THR A 365 5.16 -28.09 -30.29
CA THR A 365 4.62 -29.46 -30.16
C THR A 365 5.57 -30.45 -30.85
N ASP A 366 5.97 -30.13 -32.09
CA ASP A 366 6.91 -30.98 -32.87
C ASP A 366 8.21 -31.14 -32.09
N ILE A 367 8.67 -30.07 -31.42
CA ILE A 367 9.95 -30.16 -30.64
C ILE A 367 9.76 -31.18 -29.52
N TYR A 368 8.71 -31.01 -28.72
CA TYR A 368 8.45 -31.96 -27.61
C TYR A 368 8.33 -33.39 -28.15
N GLU A 369 7.59 -33.57 -29.25
CA GLU A 369 7.42 -34.93 -29.83
C GLU A 369 8.78 -35.53 -30.19
N GLN A 370 9.66 -34.74 -30.82
CA GLN A 370 11.00 -35.24 -31.24
C GLN A 370 11.88 -35.47 -30.01
N ILE A 371 11.67 -34.72 -28.92
CA ILE A 371 12.49 -35.00 -27.71
C ILE A 371 12.10 -36.39 -27.21
N LEU A 372 10.80 -36.73 -27.28
CA LEU A 372 10.32 -38.08 -26.87
C LEU A 372 10.93 -39.13 -27.78
N GLU A 373 11.03 -38.83 -29.09
CA GLU A 373 11.59 -39.81 -30.06
C GLU A 373 13.10 -40.00 -29.80
N ASN A 374 13.83 -38.91 -29.62
CA ASN A 374 15.31 -38.98 -29.42
C ASN A 374 15.65 -39.65 -28.09
N LEU A 375 14.72 -39.73 -27.14
CA LEU A 375 15.03 -40.34 -25.82
C LEU A 375 14.34 -41.69 -25.62
N LEU A 376 13.16 -41.93 -26.19
CA LEU A 376 12.45 -43.22 -25.91
C LEU A 376 12.22 -44.08 -27.15
N ALA A 377 12.51 -43.61 -28.36
CA ALA A 377 12.27 -44.47 -29.55
C ALA A 377 13.59 -45.04 -30.07
N GLN A 378 14.37 -44.22 -30.78
CA GLN A 378 15.68 -44.60 -31.40
C GLN A 378 16.55 -45.39 -30.42
N SER B 4 -18.51 16.61 37.02
CA SER B 4 -18.02 17.41 35.86
C SER B 4 -19.03 17.34 34.71
N ASP B 5 -19.73 18.45 34.43
CA ASP B 5 -20.72 18.54 33.32
C ASP B 5 -19.95 18.39 32.01
N THR B 6 -18.72 18.92 31.99
CA THR B 6 -17.83 18.85 30.80
C THR B 6 -17.46 17.39 30.53
N LEU B 7 -17.17 16.62 31.59
CA LEU B 7 -16.80 15.19 31.41
C LEU B 7 -18.02 14.40 30.91
N SER B 8 -19.20 14.66 31.47
CA SER B 8 -20.42 13.91 31.04
C SER B 8 -20.75 14.20 29.57
N LEU B 9 -20.68 15.46 29.16
CA LEU B 9 -20.99 15.83 27.74
C LEU B 9 -19.87 15.29 26.84
N SER B 10 -18.62 15.32 27.32
CA SER B 10 -17.48 14.78 26.51
C SER B 10 -17.72 13.30 26.19
N LEU B 11 -18.04 12.50 27.21
CA LEU B 11 -18.29 11.04 27.01
C LEU B 11 -19.44 10.84 26.00
N GLU B 12 -20.49 11.65 26.10
CA GLU B 12 -21.66 11.50 25.20
C GLU B 12 -21.22 11.71 23.74
N LEU B 13 -20.31 12.65 23.50
CA LEU B 13 -19.80 12.95 22.13
C LEU B 13 -18.76 11.92 21.71
N LEU B 14 -17.87 11.54 22.63
CA LEU B 14 -16.78 10.56 22.35
C LEU B 14 -17.33 9.17 22.00
N GLN B 15 -18.55 8.83 22.41
CA GLN B 15 -19.15 7.50 22.12
C GLN B 15 -19.67 7.45 20.68
N GLN B 16 -19.76 8.59 20.00
CA GLN B 16 -20.29 8.66 18.60
C GLN B 16 -19.15 8.50 17.60
N PRO B 17 -19.04 7.35 16.88
CA PRO B 17 -17.99 7.17 15.88
C PRO B 17 -18.21 8.23 14.79
N SER B 18 -17.34 9.25 14.76
CA SER B 18 -17.50 10.38 13.81
C SER B 18 -16.31 10.53 12.86
N VAL B 19 -15.77 9.44 12.34
CA VAL B 19 -14.64 9.54 11.37
C VAL B 19 -15.11 10.39 10.19
N THR B 20 -14.30 11.37 9.78
CA THR B 20 -14.60 12.33 8.67
C THR B 20 -15.24 11.61 7.47
N PRO B 21 -16.37 12.12 6.90
CA PRO B 21 -17.05 13.32 7.39
C PRO B 21 -18.34 13.04 8.19
N ILE B 22 -18.41 11.88 8.83
CA ILE B 22 -19.62 11.47 9.61
C ILE B 22 -19.72 12.26 10.92
N ASP B 23 -20.85 12.93 11.15
CA ASP B 23 -21.11 13.68 12.40
C ASP B 23 -21.60 12.69 13.47
N HIS B 24 -22.51 11.80 13.05
CA HIS B 24 -23.12 10.73 13.87
C HIS B 24 -23.78 11.30 15.14
N THR B 25 -24.72 12.24 14.96
CA THR B 25 -25.56 12.94 15.99
C THR B 25 -24.77 13.90 16.89
N CYS B 26 -23.47 14.13 16.65
CA CYS B 26 -22.75 15.06 17.57
C CYS B 26 -23.35 16.48 17.51
N GLN B 27 -23.62 17.00 16.31
CA GLN B 27 -24.18 18.38 16.16
C GLN B 27 -25.62 18.43 16.70
N THR B 28 -26.32 17.30 16.80
CA THR B 28 -27.71 17.29 17.36
C THR B 28 -27.62 17.33 18.89
N ILE B 29 -26.65 16.60 19.45
CA ILE B 29 -26.43 16.58 20.92
C ILE B 29 -26.11 17.99 21.40
N ALA B 31 -26.74 20.88 19.64
CA ALA B 31 -27.85 21.77 19.33
C ALA B 31 -28.95 21.66 20.40
N ASP B 32 -29.30 20.44 20.81
CA ASP B 32 -30.36 20.23 21.84
C ASP B 32 -29.96 20.96 23.14
N ARG B 33 -28.66 21.01 23.45
CA ARG B 33 -28.15 21.71 24.67
C ARG B 33 -28.27 23.23 24.49
N LEU B 34 -27.75 23.75 23.37
CA LEU B 34 -27.77 25.22 23.10
C LEU B 34 -29.20 25.74 22.90
N ALA B 35 -30.06 24.97 22.22
CA ALA B 35 -31.45 25.39 21.94
C ALA B 35 -32.21 25.76 23.23
N LYS B 36 -31.76 25.29 24.39
CA LYS B 36 -32.44 25.57 25.70
C LYS B 36 -31.91 26.86 26.32
N VAL B 37 -30.73 27.31 25.91
CA VAL B 37 -30.15 28.57 26.48
C VAL B 37 -30.24 29.72 25.47
N GLY B 38 -31.35 29.79 24.71
CA GLY B 38 -31.64 30.88 23.76
C GLY B 38 -30.85 30.87 22.46
N PHE B 39 -30.28 29.73 22.06
CA PHE B 39 -29.53 29.73 20.78
C PHE B 39 -30.46 29.28 19.64
N HIS B 40 -30.39 30.03 18.53
CA HIS B 40 -31.14 29.74 17.29
C HIS B 40 -30.36 28.63 16.54
N ILE B 41 -30.96 27.45 16.39
CA ILE B 41 -30.28 26.30 15.72
C ILE B 41 -30.45 26.41 14.20
N GLU B 42 -29.35 26.43 13.45
CA GLU B 42 -29.45 26.52 11.97
C GLU B 42 -28.51 25.50 11.34
N PRO B 43 -28.99 24.26 11.09
CA PRO B 43 -28.17 23.23 10.46
C PRO B 43 -27.86 23.61 9.02
N ARG B 45 -26.31 21.60 5.87
CA ARG B 45 -25.73 20.44 5.21
C ARG B 45 -25.28 20.84 3.81
N PHE B 46 -24.02 20.54 3.48
CA PHE B 46 -23.41 20.77 2.15
C PHE B 46 -22.83 19.43 1.71
N GLY B 47 -23.47 18.81 0.71
CA GLY B 47 -23.03 17.49 0.21
C GLY B 47 -23.11 16.44 1.30
N ASP B 48 -21.98 15.79 1.60
CA ASP B 48 -21.92 14.72 2.64
C ASP B 48 -21.44 15.30 3.98
N VAL B 49 -21.40 16.64 4.11
CA VAL B 49 -20.91 17.26 5.38
C VAL B 49 -22.05 17.98 6.11
N ASP B 50 -22.14 17.75 7.41
CA ASP B 50 -23.14 18.41 8.29
C ASP B 50 -22.44 19.58 8.99
N ASN B 51 -23.12 20.71 9.08
CA ASN B 51 -22.54 21.89 9.78
C ASN B 51 -23.62 22.47 10.68
N LEU B 52 -23.20 23.12 11.76
CA LEU B 52 -24.17 23.76 12.69
C LEU B 52 -23.78 25.21 12.94
N TRP B 53 -24.72 26.12 12.67
CA TRP B 53 -24.59 27.57 12.98
C TRP B 53 -25.63 27.84 14.07
N ALA B 54 -25.18 27.99 15.32
CA ALA B 54 -26.09 28.28 16.45
C ALA B 54 -25.73 29.68 16.94
N ARG B 55 -26.74 30.50 17.25
CA ARG B 55 -26.46 31.89 17.67
C ARG B 55 -27.50 32.39 18.66
N ARG B 56 -27.02 33.10 19.69
CA ARG B 56 -27.82 33.75 20.77
C ARG B 56 -27.51 35.24 20.71
N GLY B 57 -28.54 36.07 20.50
CA GLY B 57 -28.37 37.54 20.37
C GLY B 57 -28.45 37.95 18.90
N THR B 58 -28.77 39.23 18.64
CA THR B 58 -28.89 39.74 17.24
C THR B 58 -27.98 40.95 16.99
N GLU B 59 -27.32 41.47 18.03
CA GLU B 59 -26.45 42.67 17.90
C GLU B 59 -24.98 42.26 18.11
N GLY B 60 -24.05 43.13 17.68
CA GLY B 60 -22.61 42.90 17.87
C GLY B 60 -22.16 43.46 19.22
N PRO B 61 -20.95 43.17 19.74
CA PRO B 61 -19.98 42.30 19.06
C PRO B 61 -20.40 40.83 19.05
N VAL B 62 -19.97 40.09 18.03
CA VAL B 62 -20.33 38.65 17.90
C VAL B 62 -19.14 37.77 18.28
N PHE B 63 -19.28 36.99 19.36
CA PHE B 63 -18.23 36.02 19.80
C PHE B 63 -18.62 34.65 19.26
N CYS B 64 -17.68 33.94 18.63
CA CYS B 64 -18.02 32.63 18.05
C CYS B 64 -17.07 31.52 18.49
N PHE B 65 -17.63 30.43 19.02
CA PHE B 65 -16.86 29.22 19.38
C PHE B 65 -16.85 28.36 18.13
N ALA B 66 -15.66 27.97 17.65
CA ALA B 66 -15.58 27.14 16.43
C ALA B 66 -14.97 25.78 16.79
N GLY B 67 -15.27 24.76 15.98
CA GLY B 67 -14.74 23.41 16.23
C GLY B 67 -15.29 22.38 15.27
N HIS B 68 -14.81 21.14 15.40
CA HIS B 68 -15.29 20.06 14.48
C HIS B 68 -15.66 18.81 15.29
N THR B 69 -16.63 18.06 14.78
CA THR B 69 -17.10 16.81 15.43
C THR B 69 -16.37 15.62 14.79
N ASP B 70 -15.82 15.78 13.58
CA ASP B 70 -15.12 14.64 12.94
C ASP B 70 -13.77 14.36 13.62
N VAL B 71 -13.34 13.11 13.53
CA VAL B 71 -12.03 12.64 14.09
C VAL B 71 -11.32 11.86 12.99
N VAL B 72 -9.99 11.70 13.13
CA VAL B 72 -9.22 10.94 12.09
C VAL B 72 -9.45 9.45 12.33
N PRO B 73 -9.16 8.58 11.34
CA PRO B 73 -9.34 7.14 11.51
C PRO B 73 -8.60 6.62 12.77
N THR B 74 -9.11 5.54 13.36
CA THR B 74 -8.52 4.96 14.61
C THR B 74 -7.19 4.27 14.32
N GLY B 75 -7.11 3.51 13.23
CA GLY B 75 -5.89 2.76 12.87
C GLY B 75 -6.01 1.33 13.37
N ARG B 76 -4.89 0.62 13.51
CA ARG B 76 -4.91 -0.79 13.99
C ARG B 76 -5.72 -0.84 15.29
N LEU B 77 -6.90 -1.47 15.25
CA LEU B 77 -7.81 -1.54 16.42
C LEU B 77 -7.17 -2.41 17.53
N ASP B 78 -6.27 -3.33 17.17
CA ASP B 78 -5.60 -4.21 18.18
C ASP B 78 -4.40 -3.47 18.77
N ALA B 79 -4.17 -2.21 18.36
CA ALA B 79 -3.05 -1.41 18.90
C ALA B 79 -3.57 -0.53 20.05
N TRP B 80 -4.90 -0.46 20.19
CA TRP B 80 -5.57 0.34 21.26
C TRP B 80 -5.74 -0.50 22.54
N ASN B 81 -5.54 0.13 23.70
CA ASN B 81 -5.70 -0.54 25.02
C ASN B 81 -7.19 -0.58 25.40
N SER B 82 -8.02 0.11 24.64
CA SER B 82 -9.49 0.19 24.84
C SER B 82 -10.13 0.71 23.55
N ASP B 83 -11.36 0.24 23.24
CA ASP B 83 -12.11 0.67 22.03
C ASP B 83 -12.01 2.20 21.93
N PRO B 84 -11.48 2.74 20.81
CA PRO B 84 -11.33 4.18 20.65
C PRO B 84 -12.67 4.94 20.72
N PHE B 85 -13.79 4.25 20.49
CA PHE B 85 -15.13 4.91 20.57
C PHE B 85 -15.87 4.45 21.84
N ALA B 86 -15.15 3.79 22.76
CA ALA B 86 -15.68 3.39 24.09
C ALA B 86 -14.82 4.15 25.10
N PRO B 87 -15.08 5.45 25.31
CA PRO B 87 -14.27 6.26 26.21
C PRO B 87 -14.28 5.75 27.66
N GLU B 88 -13.11 5.80 28.30
CA GLU B 88 -12.98 5.38 29.71
C GLU B 88 -11.79 6.14 30.32
N ILE B 89 -11.75 6.22 31.66
CA ILE B 89 -10.70 6.95 32.42
C ILE B 89 -9.77 5.93 33.10
N ARG B 90 -8.46 6.07 32.88
CA ARG B 90 -7.41 5.19 33.47
C ARG B 90 -6.27 6.06 34.02
N ASP B 91 -6.17 6.09 35.36
N ASP B 91 -6.14 6.09 35.35
CA ASP B 91 -5.13 6.86 36.11
CA ASP B 91 -5.10 6.88 36.08
C ASP B 91 -5.23 8.34 35.72
C ASP B 91 -5.23 8.36 35.72
N GLY B 92 -6.44 8.92 35.86
CA GLY B 92 -6.71 10.34 35.57
C GLY B 92 -6.45 10.75 34.13
N LYS B 93 -6.81 9.90 33.17
CA LYS B 93 -6.62 10.19 31.72
C LYS B 93 -7.81 9.65 30.93
N LEU B 94 -8.49 10.52 30.18
CA LEU B 94 -9.66 10.10 29.35
C LEU B 94 -9.14 9.61 28.00
N TYR B 95 -9.20 8.30 27.75
CA TYR B 95 -8.72 7.67 26.49
C TYR B 95 -9.88 7.55 25.48
N GLY B 96 -9.58 7.82 24.22
CA GLY B 96 -10.59 7.71 23.14
C GLY B 96 -10.26 8.59 21.95
N ARG B 97 -10.68 8.17 20.76
CA ARG B 97 -10.45 8.97 19.53
C ARG B 97 -11.30 10.25 19.68
N GLY B 98 -10.66 11.40 19.55
CA GLY B 98 -11.36 12.69 19.68
C GLY B 98 -11.29 13.24 21.10
N SER B 99 -10.67 12.49 22.04
CA SER B 99 -10.59 12.96 23.45
C SER B 99 -9.75 14.24 23.57
N ALA B 100 -8.82 14.46 22.63
CA ALA B 100 -7.99 15.67 22.68
C ALA B 100 -8.34 16.56 21.49
N ASP B 101 -8.60 15.95 20.34
CA ASP B 101 -8.91 16.65 19.06
C ASP B 101 -10.27 16.21 18.51
N LYS B 103 -13.30 16.73 20.80
CA LYS B 103 -14.60 16.58 21.42
C LYS B 103 -14.62 17.09 22.87
N THR B 104 -13.50 17.03 23.62
CA THR B 104 -13.53 17.55 25.03
C THR B 104 -13.65 19.09 25.01
N ALA B 105 -13.10 19.75 23.98
CA ALA B 105 -13.19 21.23 23.88
C ALA B 105 -14.62 21.60 23.44
N LEU B 106 -15.21 20.82 22.52
CA LEU B 106 -16.61 21.08 22.09
C LEU B 106 -17.49 21.12 23.34
N ALA B 107 -17.28 20.14 24.24
CA ALA B 107 -18.06 19.99 25.49
C ALA B 107 -17.83 21.20 26.42
N ALA B 108 -16.56 21.60 26.61
CA ALA B 108 -16.21 22.72 27.50
C ALA B 108 -16.82 24.03 26.98
N VAL B 110 -19.61 24.26 25.27
CA VAL B 110 -21.04 24.19 25.50
C VAL B 110 -21.34 24.45 26.99
N VAL B 111 -20.58 23.83 27.89
CA VAL B 111 -20.81 24.02 29.35
C VAL B 111 -20.48 25.48 29.72
N ALA B 112 -19.35 25.99 29.24
CA ALA B 112 -18.93 27.39 29.51
C ALA B 112 -20.07 28.35 29.14
N SER B 113 -20.63 28.17 27.94
CA SER B 113 -21.75 28.99 27.39
C SER B 113 -22.99 28.90 28.30
N GLU B 114 -23.41 27.68 28.68
CA GLU B 114 -24.61 27.47 29.56
C GLU B 114 -24.41 28.20 30.89
N ARG B 115 -23.24 28.05 31.50
CA ARG B 115 -22.89 28.70 32.78
C ARG B 115 -22.83 30.22 32.62
N PHE B 116 -22.36 30.71 31.46
CA PHE B 116 -22.27 32.18 31.23
C PHE B 116 -23.69 32.77 31.10
N VAL B 117 -24.53 32.16 30.27
CA VAL B 117 -25.94 32.60 30.06
C VAL B 117 -26.69 32.58 31.41
N ALA B 118 -26.30 31.69 32.33
CA ALA B 118 -26.96 31.57 33.65
C ALA B 118 -26.57 32.75 34.55
N LYS B 119 -25.27 33.09 34.62
CA LYS B 119 -24.78 34.21 35.48
C LYS B 119 -24.95 35.57 34.78
N HIS B 120 -24.98 35.60 33.46
CA HIS B 120 -25.09 36.89 32.72
C HIS B 120 -26.13 36.80 31.61
N PRO B 121 -27.44 36.69 31.93
CA PRO B 121 -28.48 36.57 30.90
C PRO B 121 -28.66 37.82 30.01
N ASN B 122 -28.25 39.01 30.50
CA ASN B 122 -28.41 40.28 29.75
C ASN B 122 -27.05 40.73 29.21
N HIS B 123 -26.17 39.79 28.86
CA HIS B 123 -24.82 40.09 28.31
C HIS B 123 -24.95 40.93 27.04
N LYS B 124 -23.86 41.58 26.62
CA LYS B 124 -23.88 42.40 25.38
C LYS B 124 -23.64 41.50 24.16
N GLY B 125 -23.78 42.07 22.97
CA GLY B 125 -23.54 41.41 21.67
C GLY B 125 -24.22 40.07 21.49
N SER B 126 -23.49 39.12 20.89
CA SER B 126 -24.02 37.78 20.58
C SER B 126 -22.96 36.70 20.77
N ILE B 127 -23.42 35.47 21.05
CA ILE B 127 -22.54 34.27 21.17
C ILE B 127 -22.94 33.34 20.02
N ALA B 128 -21.98 32.71 19.35
CA ALA B 128 -22.34 31.81 18.23
C ALA B 128 -21.49 30.54 18.27
N PHE B 129 -21.98 29.48 17.62
CA PHE B 129 -21.26 28.19 17.50
C PHE B 129 -21.19 27.84 16.02
N LEU B 130 -19.97 27.68 15.50
CA LEU B 130 -19.80 27.30 14.08
C LEU B 130 -19.09 25.93 14.12
N ILE B 131 -19.88 24.86 13.98
CA ILE B 131 -19.37 23.46 14.06
C ILE B 131 -19.51 22.74 12.71
N THR B 132 -18.48 21.98 12.31
CA THR B 132 -18.46 21.20 11.04
C THR B 132 -18.14 19.73 11.32
N SER B 133 -18.49 18.84 10.39
CA SER B 133 -18.19 17.39 10.47
C SER B 133 -17.02 17.08 9.51
N ASP B 134 -16.44 18.11 8.87
CA ASP B 134 -15.24 17.89 8.02
C ASP B 134 -14.26 19.06 8.19
N GLU B 135 -13.30 18.87 9.08
CA GLU B 135 -12.18 19.81 9.33
C GLU B 135 -10.88 19.03 9.11
N GLU B 136 -10.94 17.70 9.29
CA GLU B 136 -9.78 16.80 9.15
C GLU B 136 -9.52 16.39 7.69
N GLY B 137 -10.55 16.40 6.83
CA GLY B 137 -10.40 15.93 5.44
C GLY B 137 -10.30 17.06 4.41
N PRO B 138 -10.87 16.87 3.18
CA PRO B 138 -10.81 17.89 2.12
C PRO B 138 -11.30 19.26 2.61
N ALA B 139 -12.31 19.27 3.49
CA ALA B 139 -12.84 20.53 4.06
C ALA B 139 -13.31 21.47 2.94
N VAL B 140 -14.07 20.95 1.98
CA VAL B 140 -14.62 21.79 0.87
C VAL B 140 -16.11 22.03 1.13
N ASN B 141 -16.71 21.27 2.05
CA ASN B 141 -18.16 21.43 2.36
C ASN B 141 -18.39 21.71 3.85
N GLY B 142 -17.35 22.13 4.56
CA GLY B 142 -17.49 22.38 6.00
C GLY B 142 -17.62 23.86 6.34
N THR B 143 -16.74 24.34 7.22
CA THR B 143 -16.77 25.75 7.69
C THR B 143 -16.67 26.74 6.52
N VAL B 144 -15.97 26.37 5.46
CA VAL B 144 -15.78 27.29 4.29
C VAL B 144 -17.13 27.64 3.66
N LYS B 145 -18.08 26.69 3.63
CA LYS B 145 -19.43 26.95 3.01
C LYS B 145 -20.32 27.70 4.01
N VAL B 146 -20.17 27.43 5.32
CA VAL B 146 -20.96 28.15 6.36
C VAL B 146 -20.60 29.64 6.27
N ILE B 147 -19.30 29.93 6.19
CA ILE B 147 -18.76 31.32 6.12
C ILE B 147 -19.28 31.99 4.85
N GLU B 148 -19.29 31.26 3.74
CA GLU B 148 -19.79 31.83 2.46
C GLU B 148 -21.22 32.30 2.68
N THR B 149 -22.01 31.52 3.44
CA THR B 149 -23.45 31.84 3.72
C THR B 149 -23.52 33.09 4.61
N LEU B 150 -22.73 33.13 5.68
CA LEU B 150 -22.73 34.30 6.60
C LEU B 150 -22.30 35.56 5.84
N GLU B 151 -21.24 35.45 5.03
CA GLU B 151 -20.71 36.60 4.26
C GLU B 151 -21.75 37.13 3.26
N LYS B 152 -22.50 36.21 2.64
CA LYS B 152 -23.53 36.63 1.64
C LYS B 152 -24.69 37.35 2.35
N ARG B 153 -24.88 37.12 3.65
CA ARG B 153 -26.01 37.80 4.36
C ARG B 153 -25.47 38.87 5.33
N ASN B 154 -24.20 39.24 5.18
CA ASN B 154 -23.54 40.31 6.00
C ASN B 154 -23.54 39.99 7.49
N GLU B 155 -23.43 38.71 7.86
CA GLU B 155 -23.41 38.33 9.30
C GLU B 155 -21.95 38.19 9.72
N LYS B 156 -21.40 39.22 10.38
CA LYS B 156 -19.95 39.30 10.75
C LYS B 156 -19.67 38.75 12.16
N ILE B 157 -18.51 38.09 12.30
CA ILE B 157 -18.00 37.56 13.59
C ILE B 157 -16.90 38.50 14.07
N THR B 158 -16.98 39.01 15.30
CA THR B 158 -15.93 39.92 15.82
C THR B 158 -14.72 39.12 16.31
N TRP B 159 -14.97 38.17 17.22
CA TRP B 159 -13.91 37.34 17.83
C TRP B 159 -14.27 35.86 17.67
N CYS B 160 -13.30 35.04 17.25
CA CYS B 160 -13.59 33.60 17.06
C CYS B 160 -12.53 32.77 17.79
N LEU B 161 -12.96 32.06 18.83
CA LEU B 161 -12.02 31.19 19.58
C LEU B 161 -12.19 29.76 19.08
N VAL B 162 -11.17 29.23 18.41
CA VAL B 162 -11.20 27.84 17.87
C VAL B 162 -10.68 26.92 18.99
N GLY B 163 -11.50 25.96 19.43
CA GLY B 163 -11.15 25.04 20.53
C GLY B 163 -10.18 23.94 20.15
N GLU B 164 -9.26 24.18 19.22
CA GLU B 164 -8.28 23.12 18.87
C GLU B 164 -7.31 23.00 20.04
N PRO B 165 -6.67 21.84 20.24
CA PRO B 165 -5.72 21.65 21.33
C PRO B 165 -4.40 22.39 21.05
N SER B 166 -4.35 23.66 21.47
CA SER B 166 -3.21 24.60 21.25
C SER B 166 -2.07 24.44 22.25
N SER B 167 -2.31 23.72 23.35
CA SER B 167 -1.32 23.60 24.45
C SER B 167 -0.20 22.59 24.16
N THR B 168 1.00 22.86 24.69
CA THR B 168 2.23 22.03 24.52
C THR B 168 2.54 21.26 25.81
N HIS B 169 2.94 21.95 26.88
CA HIS B 169 3.29 21.28 28.17
C HIS B 169 2.17 21.42 29.21
N LYS B 170 1.59 22.61 29.37
CA LYS B 170 0.51 22.83 30.37
C LYS B 170 -0.62 23.65 29.73
N LEU B 171 -1.84 23.49 30.27
CA LEU B 171 -3.06 24.15 29.75
C LEU B 171 -2.86 25.65 29.53
N GLY B 172 -3.18 26.13 28.32
CA GLY B 172 -3.11 27.55 27.95
C GLY B 172 -1.71 28.12 27.86
N ASP B 173 -0.66 27.29 27.79
CA ASP B 173 0.72 27.85 27.69
C ASP B 173 0.94 28.41 26.28
N ILE B 174 0.10 28.02 25.32
CA ILE B 174 0.20 28.47 23.90
C ILE B 174 -1.20 28.74 23.36
N VAL B 175 -1.36 29.90 22.71
CA VAL B 175 -2.61 30.34 22.01
C VAL B 175 -2.18 30.71 20.60
N LYS B 176 -2.95 30.33 19.58
CA LYS B 176 -2.52 30.58 18.17
C LYS B 176 -3.44 31.58 17.48
N ASN B 177 -2.85 32.63 16.91
CA ASN B 177 -3.60 33.70 16.19
C ASN B 177 -3.38 33.56 14.68
N GLY B 178 -2.62 32.55 14.26
CA GLY B 178 -2.30 32.31 12.84
C GLY B 178 -1.87 30.87 12.64
N ARG B 179 -1.63 30.47 11.39
CA ARG B 179 -1.24 29.07 11.10
C ARG B 179 -0.48 29.01 9.77
N ARG B 180 0.29 27.94 9.58
CA ARG B 180 1.02 27.74 8.30
C ARG B 180 0.06 27.25 7.24
N GLY B 181 0.43 27.40 5.97
CA GLY B 181 -0.41 26.88 4.88
C GLY B 181 -0.36 25.37 4.83
N SER B 182 -1.22 24.75 4.02
CA SER B 182 -1.23 23.28 3.88
C SER B 182 -1.42 22.92 2.40
N LEU B 183 -0.39 22.33 1.79
CA LEU B 183 -0.42 21.95 0.36
C LEU B 183 -0.37 20.43 0.23
N ASN B 184 -1.49 19.81 -0.17
CA ASN B 184 -1.58 18.34 -0.35
C ASN B 184 -1.12 17.97 -1.77
N ALA B 185 -0.73 16.71 -1.96
CA ALA B 185 -0.30 16.22 -3.29
C ALA B 185 -0.50 14.71 -3.37
N VAL B 186 -0.80 14.22 -4.57
CA VAL B 186 -0.97 12.76 -4.81
C VAL B 186 -0.12 12.45 -6.04
N LEU B 187 1.10 11.96 -5.80
CA LEU B 187 2.07 11.60 -6.86
C LEU B 187 1.81 10.18 -7.36
N LYS B 188 1.63 10.03 -8.67
CA LYS B 188 1.40 8.69 -9.30
C LYS B 188 2.55 8.42 -10.28
N VAL B 189 3.60 7.74 -9.79
CA VAL B 189 4.79 7.39 -10.63
C VAL B 189 4.40 6.22 -11.53
N GLN B 190 4.69 6.32 -12.81
CA GLN B 190 4.31 5.24 -13.77
C GLN B 190 5.48 4.30 -14.02
N GLY B 191 5.19 3.00 -14.02
CA GLY B 191 6.15 1.92 -14.31
C GLY B 191 5.55 0.94 -15.30
N LYS B 192 5.90 -0.34 -15.23
CA LYS B 192 5.33 -1.36 -16.15
C LYS B 192 5.25 -2.70 -15.42
N GLN B 193 4.03 -3.19 -15.19
CA GLN B 193 3.77 -4.48 -14.48
C GLN B 193 4.42 -5.62 -15.26
N GLY B 194 5.23 -6.44 -14.58
CA GLY B 194 5.92 -7.58 -15.23
C GLY B 194 6.41 -8.60 -14.23
N HIS B 195 7.40 -9.41 -14.63
CA HIS B 195 7.94 -10.45 -13.73
C HIS B 195 9.15 -9.90 -12.97
N VAL B 196 9.26 -10.21 -11.67
CA VAL B 196 10.35 -9.75 -10.76
C VAL B 196 11.72 -10.23 -11.27
N ALA B 197 11.77 -11.40 -11.91
CA ALA B 197 13.06 -11.96 -12.39
C ALA B 197 13.39 -11.50 -13.81
N TYR B 198 12.56 -10.63 -14.39
CA TYR B 198 12.75 -10.06 -15.75
C TYR B 198 12.56 -8.55 -15.64
N PRO B 199 13.30 -7.87 -14.73
CA PRO B 199 13.14 -6.43 -14.52
C PRO B 199 13.48 -5.58 -15.75
N HIS B 200 14.38 -6.06 -16.61
CA HIS B 200 14.77 -5.29 -17.83
C HIS B 200 13.58 -5.21 -18.80
N LEU B 201 12.61 -6.12 -18.69
CA LEU B 201 11.40 -6.13 -19.58
C LEU B 201 10.26 -5.33 -18.93
N ALA B 202 10.51 -4.78 -17.74
CA ALA B 202 9.50 -3.99 -17.00
C ALA B 202 10.14 -2.70 -16.45
N ARG B 203 9.36 -1.92 -15.71
CA ARG B 203 9.81 -0.65 -15.07
C ARG B 203 9.28 -0.69 -13.64
N ASN B 204 10.17 -0.77 -12.65
CA ASN B 204 9.72 -0.81 -11.24
C ASN B 204 9.64 0.63 -10.71
N PRO B 205 8.43 1.17 -10.46
CA PRO B 205 8.28 2.54 -9.99
C PRO B 205 8.83 2.76 -8.56
N ILE B 206 8.76 1.72 -7.71
CA ILE B 206 9.28 1.84 -6.31
C ILE B 206 10.78 2.14 -6.38
N HIS B 207 11.49 1.42 -7.26
CA HIS B 207 12.96 1.57 -7.44
C HIS B 207 13.31 2.96 -7.96
N GLU B 208 12.70 3.38 -9.08
CA GLU B 208 12.98 4.70 -9.71
C GLU B 208 12.69 5.85 -8.75
N ALA B 209 11.62 5.75 -7.97
CA ALA B 209 11.17 6.82 -7.03
C ALA B 209 11.98 6.86 -5.72
N SER B 210 12.51 5.73 -5.23
CA SER B 210 13.26 5.71 -3.93
C SER B 210 14.26 6.86 -3.80
N PRO B 211 15.21 7.07 -4.73
CA PRO B 211 16.17 8.17 -4.58
C PRO B 211 15.49 9.55 -4.52
N ALA B 212 14.36 9.71 -5.22
CA ALA B 212 13.58 10.99 -5.22
C ALA B 212 12.93 11.22 -3.86
N LEU B 213 12.15 10.24 -3.37
CA LEU B 213 11.47 10.38 -2.05
C LEU B 213 12.53 10.58 -0.97
N ALA B 214 13.70 9.94 -1.13
CA ALA B 214 14.80 10.07 -0.15
C ALA B 214 15.30 11.52 -0.14
N GLU B 215 15.46 12.11 -1.33
CA GLU B 215 15.94 13.51 -1.46
C GLU B 215 14.89 14.47 -0.90
N LEU B 216 13.61 14.24 -1.20
CA LEU B 216 12.50 15.10 -0.70
C LEU B 216 12.48 15.12 0.82
N CYS B 217 12.67 13.95 1.45
CA CYS B 217 12.66 13.84 2.94
C CYS B 217 13.80 14.63 3.59
N GLN B 218 14.96 14.77 2.94
CA GLN B 218 16.09 15.54 3.54
C GLN B 218 16.16 16.96 2.99
N THR B 219 15.32 17.30 2.01
CA THR B 219 15.34 18.65 1.40
C THR B 219 14.97 19.74 2.42
N VAL B 220 15.74 20.84 2.43
CA VAL B 220 15.47 22.02 3.30
C VAL B 220 14.65 22.99 2.44
N TRP B 221 13.39 23.23 2.82
CA TRP B 221 12.46 24.09 2.03
C TRP B 221 12.63 25.57 2.33
N ASP B 222 12.70 25.94 3.60
CA ASP B 222 12.90 27.35 4.05
C ASP B 222 13.24 27.30 5.53
N ASN B 223 13.60 28.42 6.14
CA ASN B 223 13.95 28.42 7.58
C ASN B 223 12.86 29.17 8.36
N GLY B 224 11.66 29.29 7.78
CA GLY B 224 10.56 30.01 8.45
C GLY B 224 10.90 31.47 8.68
N ASN B 225 10.29 32.09 9.69
CA ASN B 225 10.55 33.52 10.01
C ASN B 225 10.15 33.77 11.46
N GLU B 226 10.07 35.03 11.88
CA GLU B 226 9.75 35.36 13.29
C GLU B 226 8.27 35.12 13.62
N TYR B 227 7.45 34.80 12.61
CA TYR B 227 6.00 34.57 12.87
C TYR B 227 5.62 33.12 12.57
N PHE B 228 6.36 32.43 11.71
CA PHE B 228 5.98 31.04 11.35
C PHE B 228 7.18 30.09 11.43
N PRO B 229 6.99 28.83 11.87
CA PRO B 229 8.09 27.87 11.92
C PRO B 229 8.44 27.49 10.47
N ALA B 230 9.57 26.81 10.29
CA ALA B 230 10.03 26.40 8.95
C ALA B 230 9.02 25.45 8.27
N THR B 231 8.97 25.51 6.95
CA THR B 231 8.11 24.63 6.13
C THR B 231 8.53 23.18 6.38
N SER B 232 7.57 22.26 6.50
CA SER B 232 7.89 20.84 6.73
C SER B 232 7.15 19.96 5.73
N PHE B 233 7.86 18.95 5.22
CA PHE B 233 7.36 17.97 4.23
C PHE B 233 7.11 16.64 4.93
N GLN B 234 5.96 16.01 4.66
CA GLN B 234 5.61 14.71 5.27
C GLN B 234 4.85 13.83 4.28
N ILE B 235 5.30 12.58 4.14
CA ILE B 235 4.59 11.59 3.27
C ILE B 235 3.63 10.87 4.22
N SER B 236 2.34 10.88 3.89
CA SER B 236 1.29 10.27 4.75
C SER B 236 0.95 8.87 4.24
N ASN B 237 1.00 8.67 2.92
CA ASN B 237 0.64 7.34 2.37
C ASN B 237 1.55 6.99 1.20
N ILE B 238 1.73 5.70 0.96
CA ILE B 238 2.54 5.18 -0.17
C ILE B 238 1.99 3.79 -0.50
N HIS B 239 1.63 3.55 -1.77
CA HIS B 239 1.07 2.23 -2.15
C HIS B 239 1.55 1.79 -3.55
N ALA B 240 1.84 0.50 -3.68
CA ALA B 240 2.28 -0.15 -4.93
C ALA B 240 2.20 -1.66 -4.77
N GLY B 241 1.62 -2.35 -5.75
CA GLY B 241 1.51 -3.83 -5.74
C GLY B 241 0.14 -4.32 -5.32
N THR B 242 -0.19 -5.58 -5.70
CA THR B 242 -1.48 -6.23 -5.39
C THR B 242 -1.25 -7.39 -4.40
N GLY B 243 0.01 -7.68 -4.07
CA GLY B 243 0.32 -8.76 -3.11
C GLY B 243 1.16 -9.89 -3.71
N ALA B 244 1.28 -9.97 -5.04
CA ALA B 244 2.10 -11.05 -5.64
C ALA B 244 3.59 -10.77 -5.38
N THR B 245 4.31 -11.76 -4.88
CA THR B 245 5.76 -11.64 -4.56
C THR B 245 6.62 -11.67 -5.83
N ASN B 246 6.10 -12.17 -6.94
CA ASN B 246 6.90 -12.31 -8.19
C ASN B 246 6.35 -11.41 -9.30
N VAL B 247 5.66 -10.33 -8.94
CA VAL B 247 5.11 -9.41 -9.97
C VAL B 247 5.57 -7.98 -9.66
N ILE B 248 6.14 -7.30 -10.66
CA ILE B 248 6.56 -5.89 -10.47
C ILE B 248 5.30 -5.05 -10.60
N PRO B 249 5.05 -4.08 -9.69
CA PRO B 249 3.84 -3.27 -9.75
C PRO B 249 3.90 -2.25 -10.90
N GLY B 250 2.76 -2.00 -11.55
CA GLY B 250 2.72 -1.05 -12.68
C GLY B 250 2.65 0.40 -12.22
N ALA B 251 2.27 0.65 -10.96
CA ALA B 251 2.15 2.05 -10.50
C ALA B 251 2.41 2.19 -8.99
N LEU B 252 3.08 3.29 -8.63
CA LEU B 252 3.41 3.70 -7.24
C LEU B 252 2.62 4.98 -6.91
N GLU B 253 1.82 4.96 -5.84
CA GLU B 253 1.02 6.15 -5.45
C GLU B 253 1.61 6.70 -4.14
N VAL B 254 2.13 7.93 -4.17
CA VAL B 254 2.74 8.59 -2.99
C VAL B 254 1.90 9.82 -2.62
N THR B 255 1.36 9.87 -1.40
CA THR B 255 0.55 11.01 -0.93
C THR B 255 1.36 11.81 0.08
N PHE B 256 1.68 13.07 -0.23
CA PHE B 256 2.48 13.89 0.72
C PHE B 256 1.81 15.25 0.95
N ASN B 257 2.36 15.99 1.90
CA ASN B 257 1.82 17.29 2.34
C ASN B 257 2.92 18.25 2.78
N PHE B 258 2.65 19.54 2.64
CA PHE B 258 3.57 20.61 3.08
C PHE B 258 2.82 21.57 4.02
N ARG B 259 3.40 21.82 5.18
CA ARG B 259 2.88 22.85 6.12
C ARG B 259 3.91 23.95 5.88
N TYR B 260 3.53 25.00 5.16
CA TYR B 260 4.53 26.03 4.76
C TYR B 260 4.28 27.41 5.36
N SER B 261 5.39 28.13 5.59
CA SER B 261 5.46 29.50 6.14
C SER B 261 5.28 30.48 4.97
N THR B 262 5.29 31.78 5.28
CA THR B 262 5.09 32.84 4.25
C THR B 262 6.39 33.06 3.46
N GLU B 263 7.46 32.31 3.76
CA GLU B 263 8.74 32.47 3.02
C GLU B 263 8.59 31.90 1.61
N VAL B 264 7.57 31.07 1.38
CA VAL B 264 7.34 30.45 0.04
C VAL B 264 5.84 30.46 -0.26
N THR B 265 5.51 30.18 -1.52
CA THR B 265 4.11 30.13 -2.00
C THR B 265 3.84 28.68 -2.43
N ALA B 266 2.56 28.32 -2.55
CA ALA B 266 2.21 26.95 -3.01
C ALA B 266 2.85 26.71 -4.39
N GLU B 267 2.91 27.76 -5.23
CA GLU B 267 3.47 27.67 -6.61
C GLU B 267 4.99 27.45 -6.59
N GLN B 268 5.71 28.01 -5.60
CA GLN B 268 7.19 27.82 -5.52
C GLN B 268 7.51 26.37 -5.09
N LEU B 269 6.71 25.81 -4.17
CA LEU B 269 6.91 24.42 -3.67
C LEU B 269 6.59 23.45 -4.82
N LYS B 270 5.47 23.69 -5.52
CA LYS B 270 5.04 22.88 -6.69
C LYS B 270 6.19 22.82 -7.69
N GLN B 271 6.81 23.96 -7.97
CA GLN B 271 7.92 24.09 -8.95
C GLN B 271 9.18 23.36 -8.45
N ARG B 272 9.58 23.52 -7.17
CA ARG B 272 10.84 22.84 -6.78
C ARG B 272 10.62 21.30 -6.74
N VAL B 273 9.40 20.86 -6.46
CA VAL B 273 9.09 19.40 -6.40
C VAL B 273 9.15 18.82 -7.81
N HIS B 274 8.48 19.44 -8.80
CA HIS B 274 8.53 18.91 -10.19
C HIS B 274 9.98 18.88 -10.68
N GLU B 275 10.77 19.89 -10.31
CA GLU B 275 12.21 20.01 -10.70
C GLU B 275 12.98 18.79 -10.18
N ILE B 276 12.79 18.45 -8.90
CA ILE B 276 13.47 17.29 -8.24
C ILE B 276 13.00 15.97 -8.89
N LEU B 277 11.70 15.83 -9.16
CA LEU B 277 11.18 14.58 -9.80
C LEU B 277 11.74 14.43 -11.24
N ASP B 278 11.72 15.50 -12.03
CA ASP B 278 12.24 15.48 -13.43
C ASP B 278 13.75 15.19 -13.39
N LYS B 279 14.44 15.69 -12.36
CA LYS B 279 15.90 15.50 -12.15
C LYS B 279 16.21 14.00 -12.03
N HIS B 280 15.27 13.23 -11.46
CA HIS B 280 15.42 11.76 -11.30
C HIS B 280 14.81 11.04 -12.51
N GLY B 281 14.54 11.80 -13.59
CA GLY B 281 13.96 11.27 -14.85
C GLY B 281 12.75 10.37 -14.62
N LEU B 282 11.75 10.85 -13.87
CA LEU B 282 10.53 10.04 -13.60
C LEU B 282 9.40 10.45 -14.54
N GLN B 283 8.49 9.50 -14.80
CA GLN B 283 7.25 9.70 -15.62
C GLN B 283 6.10 9.58 -14.62
N TYR B 284 5.35 10.68 -14.44
CA TYR B 284 4.30 10.67 -13.39
C TYR B 284 3.26 11.77 -13.61
N GLU B 285 2.20 11.70 -12.80
CA GLU B 285 1.08 12.69 -12.77
C GLU B 285 0.94 13.14 -11.31
N ILE B 286 0.67 14.43 -11.06
CA ILE B 286 0.47 14.90 -9.66
C ILE B 286 -0.84 15.67 -9.58
N VAL B 287 -1.67 15.35 -8.58
CA VAL B 287 -2.95 16.09 -8.36
C VAL B 287 -2.71 16.94 -7.12
N TRP B 288 -2.34 18.21 -7.31
CA TRP B 288 -2.09 19.15 -6.20
C TRP B 288 -3.42 19.65 -5.61
N ASN B 289 -3.40 20.03 -4.34
CA ASN B 289 -4.63 20.54 -3.69
C ASN B 289 -4.22 21.49 -2.56
N LEU B 290 -4.51 22.77 -2.73
CA LEU B 290 -4.19 23.81 -1.70
C LEU B 290 -5.29 23.77 -0.64
N SER B 291 -5.05 23.02 0.43
CA SER B 291 -6.00 22.82 1.56
C SER B 291 -6.10 24.09 2.42
N GLY B 292 -5.03 24.87 2.49
CA GLY B 292 -5.09 26.09 3.31
C GLY B 292 -3.95 27.05 3.03
N LEU B 293 -4.25 28.35 3.11
CA LEU B 293 -3.22 29.39 2.93
C LEU B 293 -2.67 29.74 4.31
N PRO B 294 -1.43 30.25 4.41
CA PRO B 294 -0.88 30.69 5.67
C PRO B 294 -1.76 31.89 6.08
N PHE B 295 -2.07 32.05 7.37
CA PHE B 295 -2.88 33.23 7.77
C PHE B 295 -2.39 33.71 9.13
N LEU B 296 -2.62 34.98 9.41
CA LEU B 296 -2.18 35.62 10.69
C LEU B 296 -3.18 36.73 11.00
N THR B 297 -3.95 36.56 12.07
CA THR B 297 -4.95 37.59 12.45
C THR B 297 -4.29 38.57 13.41
N PRO B 298 -4.77 39.83 13.48
CA PRO B 298 -4.19 40.80 14.39
C PRO B 298 -4.40 40.42 15.86
N VAL B 299 -3.51 40.91 16.70
CA VAL B 299 -3.52 40.70 18.18
C VAL B 299 -4.43 41.80 18.74
N GLY B 300 -5.58 41.43 19.30
CA GLY B 300 -6.51 42.44 19.84
C GLY B 300 -7.07 42.05 21.20
N GLU B 301 -8.32 42.45 21.45
CA GLU B 301 -8.98 42.19 22.75
C GLU B 301 -9.21 40.69 22.97
N LEU B 302 -9.45 39.91 21.90
CA LEU B 302 -9.67 38.45 22.12
C LEU B 302 -8.43 37.88 22.82
N VAL B 303 -7.25 38.18 22.28
CA VAL B 303 -5.95 37.70 22.85
C VAL B 303 -5.82 38.24 24.27
N ASN B 304 -6.21 39.50 24.49
CA ASN B 304 -6.10 40.12 25.83
C ASN B 304 -7.06 39.42 26.80
N ALA B 305 -8.28 39.12 26.35
CA ALA B 305 -9.28 38.42 27.21
C ALA B 305 -8.78 37.02 27.57
N ALA B 306 -8.08 36.36 26.63
CA ALA B 306 -7.55 35.00 26.83
C ALA B 306 -6.31 35.03 27.74
N GLN B 307 -5.44 36.03 27.59
CA GLN B 307 -4.23 36.13 28.46
C GLN B 307 -4.68 36.18 29.92
N THR B 308 -5.68 37.02 30.23
CA THR B 308 -6.15 37.20 31.63
C THR B 308 -6.97 35.96 32.08
N ALA B 309 -7.85 35.43 31.24
CA ALA B 309 -8.64 34.23 31.62
C ALA B 309 -7.68 33.08 31.94
N ILE B 310 -6.74 32.80 31.02
CA ILE B 310 -5.72 31.72 31.21
C ILE B 310 -4.92 32.00 32.49
N LEU B 311 -4.39 33.22 32.65
CA LEU B 311 -3.58 33.57 33.85
C LEU B 311 -4.41 33.42 35.13
N ASN B 312 -5.68 33.81 35.11
CA ASN B 312 -6.54 33.75 36.32
C ASN B 312 -6.83 32.29 36.73
N VAL B 313 -7.06 31.40 35.77
CA VAL B 313 -7.41 29.97 36.03
C VAL B 313 -6.18 29.10 36.33
N THR B 314 -5.11 29.20 35.53
CA THR B 314 -3.91 28.32 35.69
C THR B 314 -2.69 29.02 36.31
N GLY B 315 -2.62 30.35 36.29
CA GLY B 315 -1.43 31.05 36.79
C GLY B 315 -0.33 31.06 35.73
N THR B 316 -0.64 30.60 34.52
CA THR B 316 0.34 30.53 33.39
C THR B 316 0.23 31.76 32.48
N GLU B 317 1.40 32.30 32.10
CA GLU B 317 1.52 33.47 31.17
C GLU B 317 1.51 32.87 29.76
N THR B 318 0.39 32.99 29.02
CA THR B 318 0.32 32.36 27.68
C THR B 318 1.27 33.03 26.69
N GLU B 319 1.63 32.31 25.62
CA GLU B 319 2.55 32.78 24.55
C GLU B 319 1.90 32.52 23.19
N LEU B 320 1.96 33.51 22.27
CA LEU B 320 1.39 33.39 20.90
C LEU B 320 2.30 32.53 20.01
N SER B 321 1.70 31.83 19.06
CA SER B 321 2.44 30.98 18.12
C SER B 321 1.56 30.64 16.91
N THR B 322 2.19 30.24 15.81
CA THR B 322 1.47 29.79 14.59
C THR B 322 1.87 28.33 14.33
N SER B 323 2.40 27.66 15.36
CA SER B 323 2.89 26.27 15.26
C SER B 323 1.77 25.23 15.09
N GLY B 324 2.17 23.98 14.82
CA GLY B 324 1.22 22.87 14.66
C GLY B 324 0.63 22.83 13.26
N GLY B 325 -0.56 22.26 13.13
CA GLY B 325 -1.19 22.17 11.80
C GLY B 325 -1.94 23.44 11.48
N THR B 326 -3.20 23.29 11.08
CA THR B 326 -4.09 24.44 10.76
C THR B 326 -5.44 24.13 11.39
N SER B 327 -6.45 24.95 11.11
CA SER B 327 -7.81 24.77 11.66
C SER B 327 -8.81 25.47 10.76
N ASP B 328 -10.09 25.45 11.15
CA ASP B 328 -11.11 26.15 10.35
C ASP B 328 -10.90 27.65 10.55
N GLY B 329 -9.93 28.04 11.38
CA GLY B 329 -9.64 29.47 11.53
C GLY B 329 -9.19 30.06 10.19
N ARG B 330 -8.68 29.21 9.29
CA ARG B 330 -8.21 29.70 7.98
C ARG B 330 -9.40 30.15 7.13
N PHE B 331 -10.59 29.60 7.40
CA PHE B 331 -11.80 29.97 6.61
C PHE B 331 -12.56 31.11 7.31
N ILE B 332 -12.23 31.37 8.57
CA ILE B 332 -12.93 32.42 9.37
C ILE B 332 -12.13 33.73 9.33
N ALA B 333 -10.80 33.62 9.33
CA ALA B 333 -9.90 34.81 9.36
C ALA B 333 -10.18 35.77 8.21
N PRO B 334 -10.40 35.31 6.97
CA PRO B 334 -10.63 36.23 5.85
C PRO B 334 -11.87 37.12 6.00
N THR B 335 -12.73 36.86 7.01
CA THR B 335 -13.95 37.69 7.20
C THR B 335 -13.59 38.93 8.01
N GLY B 336 -12.43 38.92 8.66
CA GLY B 336 -11.96 40.05 9.49
C GLY B 336 -12.05 39.75 10.97
N ALA B 337 -12.62 38.59 11.33
CA ALA B 337 -12.73 38.23 12.75
C ALA B 337 -11.34 37.95 13.33
N GLN B 338 -11.09 38.41 14.55
CA GLN B 338 -9.81 38.05 15.23
C GLN B 338 -9.90 36.55 15.49
N VAL B 339 -8.81 35.81 15.28
CA VAL B 339 -8.88 34.35 15.54
C VAL B 339 -7.87 33.97 16.63
N LEU B 340 -8.32 33.22 17.64
CA LEU B 340 -7.40 32.73 18.71
C LEU B 340 -7.74 31.27 18.99
N GLU B 341 -6.73 30.39 18.92
CA GLU B 341 -6.99 28.96 19.19
C GLU B 341 -6.48 28.63 20.60
N LEU B 342 -7.38 28.10 21.44
CA LEU B 342 -7.09 27.73 22.84
C LEU B 342 -7.72 26.37 23.14
N GLY B 343 -6.92 25.38 23.52
CA GLY B 343 -7.44 24.04 23.84
C GLY B 343 -6.55 23.26 24.79
N VAL B 344 -6.79 21.94 24.84
CA VAL B 344 -6.07 20.99 25.73
C VAL B 344 -4.70 20.67 25.09
N LEU B 345 -3.96 19.72 25.68
CA LEU B 345 -2.63 19.35 25.15
C LEU B 345 -2.78 18.63 23.80
N ASN B 346 -1.89 18.94 22.86
CA ASN B 346 -1.88 18.33 21.51
C ASN B 346 -0.91 17.13 21.47
N ALA B 347 -0.32 16.79 22.63
CA ALA B 347 0.66 15.69 22.74
C ALA B 347 0.21 14.40 22.04
N THR B 348 -1.06 14.02 22.15
CA THR B 348 -1.49 12.71 21.57
C THR B 348 -2.49 12.84 20.41
N ILE B 349 -2.64 14.02 19.79
CA ILE B 349 -3.67 14.11 18.72
C ILE B 349 -3.27 13.23 17.51
N HIS B 350 -4.26 12.52 16.95
CA HIS B 350 -4.07 11.65 15.76
C HIS B 350 -3.28 10.38 16.12
N GLN B 351 -2.89 10.22 17.39
CA GLN B 351 -2.10 9.02 17.78
C GLN B 351 -3.03 7.90 18.25
N ILE B 352 -2.46 6.70 18.39
CA ILE B 352 -3.23 5.55 18.93
C ILE B 352 -3.25 5.76 20.44
N ASN B 353 -4.35 5.46 21.12
CA ASN B 353 -4.45 5.67 22.60
C ASN B 353 -4.47 7.17 22.92
N GLU B 354 -5.08 7.96 22.02
CA GLU B 354 -5.25 9.43 22.20
C GLU B 354 -5.89 9.69 23.57
N HIS B 355 -5.37 10.65 24.34
CA HIS B 355 -5.96 10.90 25.67
C HIS B 355 -5.72 12.35 26.11
N VAL B 356 -6.50 12.79 27.11
CA VAL B 356 -6.43 14.14 27.72
C VAL B 356 -6.46 13.98 29.24
N ASP B 357 -5.68 14.79 29.96
CA ASP B 357 -5.64 14.76 31.43
C ASP B 357 -6.98 15.34 31.93
N VAL B 358 -7.74 14.57 32.69
CA VAL B 358 -9.07 14.98 33.23
C VAL B 358 -8.96 16.28 34.04
N HIS B 359 -7.84 16.50 34.75
CA HIS B 359 -7.70 17.73 35.60
C HIS B 359 -7.76 19.01 34.76
N ASP B 360 -7.63 18.93 33.43
CA ASP B 360 -7.66 20.14 32.56
C ASP B 360 -9.08 20.42 32.02
N LEU B 361 -10.01 19.46 32.11
CA LEU B 361 -11.38 19.67 31.54
C LEU B 361 -12.13 20.81 32.26
N ASP B 362 -12.20 20.81 33.59
CA ASP B 362 -12.93 21.89 34.32
C ASP B 362 -12.21 23.23 34.11
N PRO B 363 -10.89 23.33 34.35
CA PRO B 363 -10.17 24.59 34.14
C PRO B 363 -10.39 25.17 32.73
N LEU B 364 -10.32 24.33 31.69
CA LEU B 364 -10.55 24.81 30.30
C LEU B 364 -11.95 25.42 30.22
N THR B 365 -12.94 24.74 30.80
CA THR B 365 -14.34 25.25 30.80
C THR B 365 -14.31 26.61 31.51
N ASP B 366 -13.65 26.68 32.67
CA ASP B 366 -13.54 27.94 33.44
C ASP B 366 -12.89 29.02 32.56
N ILE B 367 -11.78 28.70 31.91
CA ILE B 367 -11.08 29.67 31.01
C ILE B 367 -12.07 30.16 29.94
N TYR B 368 -12.76 29.24 29.25
CA TYR B 368 -13.71 29.67 28.18
C TYR B 368 -14.80 30.57 28.77
N GLU B 369 -15.35 30.22 29.93
CA GLU B 369 -16.42 31.05 30.55
C GLU B 369 -15.86 32.45 30.86
N GLN B 370 -14.62 32.54 31.36
CA GLN B 370 -14.03 33.85 31.73
C GLN B 370 -13.79 34.70 30.48
N ILE B 371 -13.52 34.06 29.33
CA ILE B 371 -13.31 34.83 28.08
C ILE B 371 -14.67 35.44 27.68
N LEU B 372 -15.76 34.70 27.88
CA LEU B 372 -17.11 35.26 27.55
C LEU B 372 -17.35 36.48 28.45
N GLU B 373 -17.08 36.34 29.76
CA GLU B 373 -17.26 37.44 30.74
C GLU B 373 -16.40 38.65 30.36
N ASN B 374 -15.13 38.45 30.05
CA ASN B 374 -14.19 39.56 29.72
C ASN B 374 -14.58 40.28 28.42
N LEU B 375 -15.35 39.64 27.54
CA LEU B 375 -15.72 40.29 26.24
C LEU B 375 -17.20 40.68 26.16
N LEU B 376 -18.10 39.95 26.85
CA LEU B 376 -19.55 40.27 26.70
C LEU B 376 -20.21 40.67 28.03
N ALA B 377 -19.51 40.59 29.16
CA ALA B 377 -20.16 41.01 30.43
C ALA B 377 -20.03 42.52 30.59
N GLN B 378 -19.03 42.99 31.35
CA GLN B 378 -18.75 44.43 31.58
C GLN B 378 -19.97 45.09 32.24
#